data_9MEY
#
_entry.id   9MEY
#
_cell.length_a   148.582
_cell.length_b   148.582
_cell.length_c   130.728
_cell.angle_alpha   90.00
_cell.angle_beta   90.00
_cell.angle_gamma   120.00
#
_symmetry.space_group_name_H-M   'P 31 2 1'
#
loop_
_entity.id
_entity.type
_entity.pdbx_description
1 polymer 'GTP-binding protein Rit1'
2 polymer 'Leucine-zipper-like transcriptional regulator 1'
3 non-polymer "GUANOSINE-5'-DIPHOSPHATE"
4 non-polymer 'MAGNESIUM ION'
5 water water
#
loop_
_entity_poly.entity_id
_entity_poly.type
_entity_poly.pdbx_seq_one_letter_code
_entity_poly.pdbx_strand_id
1 'polypeptide(L)'
;GDSGTRPVGSCCSSPAGLSREYKLVMLGAGGVGKSAMTMQFISHRFPEDHDPTIEDAYKIRIRIDDEPANLDILDTAGQA
EFTAMRDQYMRAGEGFIICYSITDRRSFHEVREFKQLIYRVRRTDDTPVVLVGNKSDLKQLRQVTKEEGLALAREFSCPF
FETSAAYRYYIDDVFHALVREIRRKEKEAVLAMEKKS
;
A,C
2 'polypeptide(L)'
;GTVHRWRRLPPCDEFVGARRSKHTVVAYKDAIYVFGGDNGKTMLNDLLRFDVKDCSWCRAFTTGTPPAPRYHHSAVVYGS
SMFVFGGYTGDIYSNSNLKNKNDLFEYKFATGQWTEWKIEGRLPVARSAHGATVYSDKLWIFAGYDGNARLNDMWTIGLQ
DRELTCWEEVAQSGEIPPSCCNFPVAVCRDKMFVFSGQSGAKITNNLFQFEFKDKTWTRIPTEHLLRGSPPPPQRRYGHT
MVAFDRHLYVFGGAADNTLPNELHCYDVDFQTWEVVQPSSDSELPSGRLFHAAAVISDAMYIFGGTVDNNIRSGEMYRFQ
FS
;
B,D
#
# COMPACT_ATOMS: atom_id res chain seq x y z
N SER A 19 34.66 -10.68 28.59
CA SER A 19 34.60 -10.30 30.00
C SER A 19 33.43 -9.34 30.25
N ARG A 20 33.30 -8.89 31.50
CA ARG A 20 32.21 -8.01 31.89
C ARG A 20 32.40 -6.64 31.25
N GLU A 21 31.45 -6.24 30.40
CA GLU A 21 31.48 -4.94 29.74
C GLU A 21 30.35 -4.10 30.31
N TYR A 22 30.72 -2.99 30.96
CA TYR A 22 29.76 -2.06 31.53
C TYR A 22 29.62 -0.85 30.61
N LYS A 23 28.44 -0.66 30.04
CA LYS A 23 28.16 0.47 29.16
C LYS A 23 27.47 1.57 29.97
N LEU A 24 28.13 2.71 30.09
CA LEU A 24 27.62 3.83 30.87
C LEU A 24 27.34 5.01 29.95
N VAL A 25 26.42 5.86 30.38
CA VAL A 25 25.96 6.99 29.56
C VAL A 25 26.10 8.27 30.37
N MET A 26 26.75 9.28 29.77
CA MET A 26 26.91 10.58 30.39
C MET A 26 25.76 11.48 29.95
N LEU A 27 24.83 11.73 30.87
CA LEU A 27 23.68 12.59 30.60
C LEU A 27 23.88 13.94 31.30
N GLY A 28 23.42 15.00 30.64
CA GLY A 28 23.53 16.33 31.19
C GLY A 28 23.32 17.39 30.14
N ALA A 29 22.93 18.58 30.61
CA ALA A 29 22.73 19.70 29.71
C ALA A 29 24.05 20.12 29.07
N GLY A 30 23.94 20.88 27.99
CA GLY A 30 25.12 21.35 27.28
C GLY A 30 25.98 22.29 28.09
N GLY A 31 27.27 21.98 28.19
CA GLY A 31 28.22 22.85 28.85
C GLY A 31 28.46 22.56 30.32
N VAL A 32 27.87 21.50 30.88
CA VAL A 32 28.10 21.20 32.28
C VAL A 32 29.47 20.60 32.50
N GLY A 33 30.08 20.01 31.48
CA GLY A 33 31.41 19.47 31.61
C GLY A 33 31.49 17.97 31.40
N LYS A 34 30.50 17.39 30.70
CA LYS A 34 30.47 15.96 30.49
C LYS A 34 31.76 15.46 29.83
N SER A 35 32.18 16.14 28.76
CA SER A 35 33.40 15.72 28.08
C SER A 35 34.63 15.90 28.97
N ALA A 36 34.67 16.98 29.75
CA ALA A 36 35.81 17.20 30.63
C ALA A 36 35.91 16.10 31.69
N MET A 37 34.77 15.66 32.24
CA MET A 37 34.79 14.60 33.23
C MET A 37 35.24 13.27 32.61
N THR A 38 34.76 12.96 31.41
CA THR A 38 35.13 11.72 30.75
C THR A 38 36.65 11.64 30.52
N MET A 39 37.20 12.65 29.85
CA MET A 39 38.63 12.66 29.55
C MET A 39 39.47 12.48 30.81
N GLN A 40 39.14 13.22 31.88
CA GLN A 40 39.87 13.07 33.14
C GLN A 40 39.81 11.64 33.65
N PHE A 41 38.65 10.99 33.54
CA PHE A 41 38.52 9.63 34.04
C PHE A 41 39.30 8.63 33.21
N ILE A 42 39.33 8.82 31.88
CA ILE A 42 39.94 7.83 31.01
C ILE A 42 41.41 8.10 30.70
N SER A 43 41.87 9.34 30.88
CA SER A 43 43.25 9.65 30.51
C SER A 43 43.89 10.72 31.38
N HIS A 44 43.28 11.13 32.50
CA HIS A 44 43.90 12.04 33.45
C HIS A 44 44.33 13.35 32.76
N ARG A 45 43.46 13.88 31.93
CA ARG A 45 43.73 15.12 31.21
C ARG A 45 42.48 15.98 31.16
N PHE A 46 42.69 17.28 31.02
CA PHE A 46 41.63 18.26 30.87
C PHE A 46 41.58 18.72 29.43
N PRO A 47 40.41 18.68 28.78
CA PRO A 47 40.36 19.03 27.35
C PRO A 47 40.52 20.53 27.14
N GLU A 48 41.41 20.89 26.21
CA GLU A 48 41.56 22.27 25.76
C GLU A 48 40.70 22.46 24.53
N ASP A 49 39.66 23.29 24.64
CA ASP A 49 38.77 23.58 23.53
C ASP A 49 38.15 22.30 22.99
N HIS A 50 37.16 21.75 23.68
CA HIS A 50 36.50 20.54 23.23
C HIS A 50 35.22 20.92 22.49
N ASP A 51 35.04 20.34 21.31
CA ASP A 51 33.86 20.61 20.49
C ASP A 51 32.63 20.06 21.18
N PRO A 52 31.69 20.91 21.61
CA PRO A 52 30.52 20.38 22.35
C PRO A 52 29.61 19.51 21.52
N THR A 53 29.63 19.62 20.19
CA THR A 53 28.75 18.85 19.34
C THR A 53 29.28 17.45 19.02
N ILE A 54 30.26 16.95 19.78
CA ILE A 54 30.89 15.67 19.53
C ILE A 54 30.36 14.66 20.54
N GLU A 55 29.78 13.57 20.05
CA GLU A 55 29.30 12.48 20.90
C GLU A 55 29.98 11.19 20.45
N ASP A 56 30.71 10.56 21.37
CA ASP A 56 31.38 9.30 21.08
C ASP A 56 31.55 8.52 22.38
N ALA A 57 32.00 7.28 22.24
CA ALA A 57 32.19 6.38 23.37
C ALA A 57 33.68 6.15 23.60
N TYR A 58 34.04 5.95 24.87
CA TYR A 58 35.42 5.77 25.28
C TYR A 58 35.51 4.62 26.27
N LYS A 59 36.66 3.94 26.27
CA LYS A 59 36.84 2.71 27.04
C LYS A 59 37.97 2.86 28.04
N ILE A 60 37.90 2.09 29.12
CA ILE A 60 38.95 2.02 30.13
C ILE A 60 38.72 0.79 30.99
N ARG A 61 39.82 0.19 31.45
CA ARG A 61 39.79 -0.97 32.33
C ARG A 61 40.36 -0.57 33.69
N ILE A 62 39.48 -0.51 34.70
CA ILE A 62 39.87 -0.15 36.06
C ILE A 62 39.45 -1.25 37.01
N ARG A 63 40.09 -1.28 38.17
CA ARG A 63 39.85 -2.32 39.18
C ARG A 63 39.12 -1.71 40.37
N ILE A 64 37.79 -1.87 40.39
CA ILE A 64 36.97 -1.42 41.50
C ILE A 64 36.81 -2.55 42.50
N ASP A 65 37.10 -2.26 43.78
CA ASP A 65 37.00 -3.23 44.86
C ASP A 65 37.79 -4.50 44.56
N ASP A 66 38.99 -4.32 43.99
CA ASP A 66 39.89 -5.41 43.64
C ASP A 66 39.28 -6.38 42.63
N GLU A 67 38.42 -5.87 41.75
CA GLU A 67 37.85 -6.67 40.66
C GLU A 67 37.93 -5.86 39.37
N PRO A 68 38.60 -6.37 38.35
CA PRO A 68 38.69 -5.62 37.08
C PRO A 68 37.33 -5.47 36.42
N ALA A 69 37.15 -4.35 35.74
CA ALA A 69 35.89 -4.06 35.07
C ALA A 69 36.17 -3.26 33.80
N ASN A 70 35.59 -3.71 32.69
CA ASN A 70 35.68 -2.99 31.43
C ASN A 70 34.55 -1.98 31.33
N LEU A 71 34.90 -0.71 31.16
CA LEU A 71 33.93 0.37 31.07
C LEU A 71 33.89 0.95 29.67
N ASP A 72 32.68 1.19 29.17
CA ASP A 72 32.46 1.81 27.87
C ASP A 72 31.53 3.00 28.10
N ILE A 73 32.07 4.21 28.05
CA ILE A 73 31.37 5.42 28.48
C ILE A 73 31.07 6.28 27.27
N LEU A 74 29.80 6.63 27.10
CA LEU A 74 29.34 7.47 25.99
C LEU A 74 29.17 8.91 26.47
N ASP A 75 29.96 9.81 25.90
CA ASP A 75 29.83 11.25 26.17
C ASP A 75 28.79 11.81 25.21
N THR A 76 27.57 12.02 25.71
CA THR A 76 26.45 12.38 24.85
C THR A 76 26.53 13.84 24.38
N ALA A 77 25.96 14.08 23.20
CA ALA A 77 25.85 15.42 22.63
C ALA A 77 24.73 15.41 21.61
N GLY A 78 24.20 16.60 21.34
CA GLY A 78 23.10 16.72 20.39
C GLY A 78 21.76 16.42 20.99
N GLN A 79 20.70 17.00 20.41
CA GLN A 79 19.35 16.86 20.94
C GLN A 79 18.33 16.30 19.96
N ALA A 80 18.69 16.14 18.69
CA ALA A 80 17.79 15.52 17.73
C ALA A 80 17.60 14.04 18.06
N GLU A 81 16.87 13.34 17.19
CA GLU A 81 16.64 11.91 17.37
C GLU A 81 17.96 11.17 17.49
N PHE A 82 18.03 10.27 18.48
CA PHE A 82 19.28 9.62 18.83
C PHE A 82 19.87 8.87 17.63
N THR A 83 21.20 8.88 17.54
CA THR A 83 21.87 8.03 16.57
C THR A 83 21.70 6.57 16.97
N ALA A 84 21.95 5.67 16.02
CA ALA A 84 21.86 4.24 16.29
C ALA A 84 22.73 3.85 17.49
N MET A 85 23.91 4.46 17.61
CA MET A 85 24.76 4.20 18.77
C MET A 85 24.10 4.67 20.05
N ARG A 86 23.59 5.92 20.07
CA ARG A 86 22.95 6.44 21.26
C ARG A 86 21.71 5.63 21.63
N ASP A 87 20.84 5.36 20.64
CA ASP A 87 19.61 4.62 20.89
C ASP A 87 19.89 3.30 21.61
N GLN A 88 20.84 2.52 21.09
CA GLN A 88 21.18 1.26 21.74
C GLN A 88 21.84 1.47 23.10
N TYR A 89 22.60 2.56 23.25
CA TYR A 89 23.23 2.84 24.54
C TYR A 89 22.18 3.16 25.60
N MET A 90 21.20 4.01 25.26
CA MET A 90 20.15 4.34 26.22
C MET A 90 19.32 3.12 26.59
N ARG A 91 19.19 2.15 25.68
CA ARG A 91 18.38 0.97 25.94
C ARG A 91 19.16 -0.17 26.59
N ALA A 92 20.44 -0.33 26.27
CA ALA A 92 21.23 -1.41 26.81
C ALA A 92 22.25 -0.97 27.86
N GLY A 93 22.45 0.33 28.02
CA GLY A 93 23.39 0.80 29.04
C GLY A 93 22.97 0.38 30.43
N GLU A 94 23.94 -0.07 31.23
CA GLU A 94 23.67 -0.57 32.56
C GLU A 94 23.59 0.53 33.62
N GLY A 95 24.29 1.64 33.41
CA GLY A 95 24.27 2.72 34.39
C GLY A 95 24.28 4.07 33.70
N PHE A 96 23.75 5.07 34.40
CA PHE A 96 23.63 6.42 33.89
C PHE A 96 24.24 7.41 34.87
N ILE A 97 24.93 8.41 34.33
CA ILE A 97 25.49 9.51 35.12
C ILE A 97 24.83 10.79 34.65
N ILE A 98 23.92 11.34 35.45
CA ILE A 98 23.26 12.59 35.14
C ILE A 98 24.06 13.72 35.78
N CYS A 99 24.56 14.64 34.95
CA CYS A 99 25.48 15.68 35.39
C CYS A 99 24.86 17.06 35.20
N TYR A 100 25.13 17.95 36.14
CA TYR A 100 24.78 19.35 36.03
C TYR A 100 25.96 20.18 36.53
N SER A 101 25.92 21.47 36.23
CA SER A 101 26.94 22.42 36.69
C SER A 101 26.39 23.21 37.87
N ILE A 102 27.18 23.28 38.95
CA ILE A 102 26.77 24.02 40.13
C ILE A 102 26.69 25.51 39.87
N THR A 103 27.20 25.98 38.73
CA THR A 103 27.10 27.37 38.32
C THR A 103 25.99 27.59 37.31
N ASP A 104 25.13 26.59 37.11
CA ASP A 104 24.09 26.63 36.08
C ASP A 104 22.83 26.00 36.67
N ARG A 105 21.95 26.86 37.18
CA ARG A 105 20.70 26.38 37.75
C ARG A 105 19.79 25.78 36.69
N ARG A 106 19.88 26.27 35.46
CA ARG A 106 19.10 25.70 34.37
C ARG A 106 19.46 24.24 34.15
N SER A 107 20.75 23.92 34.16
CA SER A 107 21.18 22.52 34.02
C SER A 107 20.74 21.69 35.23
N PHE A 108 20.71 22.29 36.42
CA PHE A 108 20.24 21.57 37.60
C PHE A 108 18.76 21.21 37.50
N HIS A 109 17.98 21.98 36.73
CA HIS A 109 16.58 21.66 36.54
C HIS A 109 16.38 20.58 35.48
N GLU A 110 17.21 20.56 34.44
CA GLU A 110 17.11 19.53 33.42
C GLU A 110 17.41 18.14 33.97
N VAL A 111 18.04 18.06 35.15
CA VAL A 111 18.31 16.77 35.78
C VAL A 111 17.05 15.91 35.84
N ARG A 112 15.93 16.50 36.24
CA ARG A 112 14.69 15.75 36.29
C ARG A 112 14.23 15.31 34.91
N GLU A 113 14.41 16.17 33.91
CA GLU A 113 14.01 15.80 32.55
C GLU A 113 14.83 14.62 32.02
N PHE A 114 16.11 14.53 32.41
CA PHE A 114 16.90 13.37 32.03
C PHE A 114 16.45 12.13 32.80
N LYS A 115 16.15 12.29 34.09
CA LYS A 115 15.63 11.16 34.87
C LYS A 115 14.30 10.67 34.34
N GLN A 116 13.44 11.59 33.90
CA GLN A 116 12.21 11.20 33.23
C GLN A 116 12.52 10.47 31.92
N LEU A 117 13.51 10.98 31.17
CA LEU A 117 13.87 10.36 29.90
C LEU A 117 14.31 8.91 30.08
N ILE A 118 15.02 8.62 31.17
CA ILE A 118 15.44 7.25 31.42
C ILE A 118 14.22 6.35 31.60
N TYR A 119 13.17 6.87 32.25
CA TYR A 119 11.95 6.08 32.42
C TYR A 119 11.26 5.82 31.10
N ARG A 120 11.21 6.83 30.23
CA ARG A 120 10.55 6.67 28.93
C ARG A 120 11.19 5.54 28.13
N VAL A 121 12.51 5.39 28.20
CA VAL A 121 13.20 4.36 27.45
C VAL A 121 13.19 3.04 28.19
N ARG A 122 13.67 3.04 29.44
CA ARG A 122 13.84 1.80 30.19
C ARG A 122 12.54 1.27 30.77
N ARG A 123 11.49 2.10 30.81
CA ARG A 123 10.20 1.74 31.39
C ARG A 123 10.33 1.37 32.86
N THR A 124 11.35 1.89 33.52
CA THR A 124 11.60 1.62 34.93
C THR A 124 12.50 2.71 35.48
N ASP A 125 12.42 2.91 36.79
CA ASP A 125 13.27 3.86 37.49
C ASP A 125 14.35 3.18 38.31
N ASP A 126 14.45 1.85 38.27
CA ASP A 126 15.47 1.11 38.99
C ASP A 126 16.82 1.07 38.28
N THR A 127 16.92 1.63 37.09
CA THR A 127 18.20 1.66 36.38
C THR A 127 19.24 2.42 37.21
N PRO A 128 20.39 1.83 37.48
CA PRO A 128 21.40 2.50 38.32
C PRO A 128 21.78 3.87 37.79
N VAL A 129 21.84 4.85 38.70
CA VAL A 129 22.06 6.25 38.36
C VAL A 129 22.95 6.87 39.43
N VAL A 130 23.84 7.77 39.02
CA VAL A 130 24.64 8.57 39.92
C VAL A 130 24.47 10.04 39.53
N LEU A 131 24.19 10.89 40.51
CA LEU A 131 23.98 12.31 40.28
C LEU A 131 25.26 13.07 40.58
N VAL A 132 25.64 13.97 39.68
CA VAL A 132 26.92 14.68 39.76
C VAL A 132 26.69 16.17 39.51
N GLY A 133 27.15 16.99 40.45
CA GLY A 133 27.20 18.42 40.25
C GLY A 133 28.61 18.86 39.96
N ASN A 134 28.89 19.25 38.72
CA ASN A 134 30.25 19.50 38.28
C ASN A 134 30.66 20.95 38.54
N LYS A 135 31.94 21.24 38.30
CA LYS A 135 32.52 22.58 38.43
C LYS A 135 32.48 23.06 39.88
N SER A 136 32.73 22.14 40.82
CA SER A 136 32.74 22.49 42.24
C SER A 136 33.83 23.50 42.58
N ASP A 137 34.86 23.62 41.73
CA ASP A 137 35.90 24.63 41.95
C ASP A 137 35.37 26.04 41.78
N LEU A 138 34.30 26.23 41.01
CA LEU A 138 33.72 27.56 40.80
C LEU A 138 32.84 27.96 41.99
N LYS A 139 33.47 28.00 43.16
CA LYS A 139 32.76 28.40 44.37
C LYS A 139 32.33 29.86 44.34
N GLN A 140 32.93 30.67 43.47
CA GLN A 140 32.55 32.07 43.35
C GLN A 140 31.25 32.26 42.57
N LEU A 141 30.98 31.38 41.60
CA LEU A 141 29.80 31.49 40.75
C LEU A 141 28.77 30.40 41.06
N ARG A 142 28.83 29.84 42.27
CA ARG A 142 27.95 28.75 42.65
C ARG A 142 26.50 29.20 42.69
N GLN A 143 25.67 28.59 41.84
CA GLN A 143 24.23 28.85 41.82
C GLN A 143 23.40 27.70 42.38
N VAL A 144 24.00 26.53 42.60
CA VAL A 144 23.30 25.37 43.14
C VAL A 144 24.00 24.96 44.43
N THR A 145 23.27 24.96 45.54
CA THR A 145 23.85 24.55 46.80
C THR A 145 24.11 23.04 46.82
N LYS A 146 25.09 22.64 47.62
CA LYS A 146 25.41 21.22 47.76
C LYS A 146 24.26 20.45 48.38
N GLU A 147 23.57 21.05 49.35
CA GLU A 147 22.47 20.38 50.04
C GLU A 147 21.35 20.02 49.07
N GLU A 148 21.08 20.92 48.11
CA GLU A 148 20.04 20.65 47.11
C GLU A 148 20.35 19.40 46.30
N GLY A 149 21.60 19.27 45.82
CA GLY A 149 21.97 18.07 45.09
C GLY A 149 21.80 16.81 45.90
N LEU A 150 22.17 16.84 47.19
CA LEU A 150 21.93 15.69 48.05
C LEU A 150 20.44 15.41 48.18
N ALA A 151 19.63 16.46 48.34
CA ALA A 151 18.19 16.26 48.44
C ALA A 151 17.63 15.63 47.17
N LEU A 152 18.06 16.12 46.01
CA LEU A 152 17.63 15.52 44.76
C LEU A 152 18.11 14.07 44.63
N ALA A 153 19.29 13.77 45.16
CA ALA A 153 19.82 12.41 45.07
C ALA A 153 19.04 11.46 45.97
N ARG A 154 18.72 11.88 47.19
CA ARG A 154 17.87 11.07 48.04
C ARG A 154 16.48 10.92 47.44
N GLU A 155 16.00 11.96 46.75
CA GLU A 155 14.73 11.83 46.04
C GLU A 155 14.84 10.78 44.94
N PHE A 156 16.00 10.71 44.28
CA PHE A 156 16.25 9.72 43.25
C PHE A 156 16.78 8.40 43.79
N SER A 157 17.08 8.35 45.09
CA SER A 157 17.68 7.16 45.71
C SER A 157 18.98 6.75 45.00
N CYS A 158 19.81 7.74 44.70
CA CYS A 158 21.04 7.53 43.97
C CYS A 158 22.19 8.27 44.63
N PRO A 159 23.42 7.78 44.48
CA PRO A 159 24.58 8.48 45.05
C PRO A 159 24.76 9.86 44.43
N PHE A 160 25.41 10.75 45.19
CA PHE A 160 25.62 12.13 44.78
C PHE A 160 27.06 12.53 45.02
N PHE A 161 27.67 13.18 44.04
CA PHE A 161 29.03 13.69 44.15
C PHE A 161 29.11 15.10 43.58
N GLU A 162 29.84 15.97 44.27
CA GLU A 162 30.25 17.26 43.72
C GLU A 162 31.69 17.12 43.24
N THR A 163 31.90 17.30 41.94
CA THR A 163 33.18 17.03 41.31
C THR A 163 33.72 18.29 40.63
N SER A 164 35.00 18.24 40.30
CA SER A 164 35.67 19.31 39.55
C SER A 164 36.55 18.65 38.50
N ALA A 165 36.06 18.61 37.26
CA ALA A 165 36.84 18.05 36.16
C ALA A 165 38.12 18.85 35.90
N ALA A 166 38.14 20.14 36.28
CA ALA A 166 39.34 20.94 36.06
C ALA A 166 40.51 20.41 36.88
N TYR A 167 40.27 20.00 38.12
CA TYR A 167 41.33 19.53 39.00
C TYR A 167 41.16 18.06 39.39
N ARG A 168 40.25 17.33 38.73
CA ARG A 168 40.05 15.90 38.95
C ARG A 168 39.71 15.60 40.42
N TYR A 169 38.71 16.32 40.93
CA TYR A 169 38.21 16.09 42.28
C TYR A 169 37.04 15.12 42.21
N TYR A 170 37.20 13.94 42.81
CA TYR A 170 36.14 12.94 42.98
C TYR A 170 35.69 12.35 41.65
N ILE A 171 36.51 12.47 40.61
CA ILE A 171 36.14 11.93 39.30
C ILE A 171 36.06 10.41 39.35
N ASP A 172 37.09 9.76 39.89
CA ASP A 172 37.09 8.30 39.98
C ASP A 172 35.94 7.80 40.84
N ASP A 173 35.62 8.53 41.92
CA ASP A 173 34.59 8.08 42.84
C ASP A 173 33.21 7.99 42.17
N VAL A 174 32.96 8.84 41.18
CA VAL A 174 31.67 8.81 40.48
C VAL A 174 31.48 7.48 39.76
N PHE A 175 32.42 7.14 38.88
CA PHE A 175 32.28 5.92 38.08
C PHE A 175 32.45 4.68 38.94
N HIS A 176 33.33 4.74 39.95
CA HIS A 176 33.44 3.64 40.90
C HIS A 176 32.10 3.34 41.55
N ALA A 177 31.37 4.38 41.95
CA ALA A 177 30.09 4.18 42.63
C ALA A 177 29.07 3.51 41.72
N LEU A 178 28.99 3.94 40.46
CA LEU A 178 27.99 3.37 39.55
C LEU A 178 28.18 1.88 39.36
N VAL A 179 29.43 1.43 39.20
CA VAL A 179 29.70 0.01 39.05
C VAL A 179 29.25 -0.75 40.29
N ARG A 180 29.45 -0.17 41.47
CA ARG A 180 28.94 -0.77 42.70
C ARG A 180 27.42 -0.90 42.64
N GLU A 181 26.73 0.14 42.13
CA GLU A 181 25.29 0.06 41.98
C GLU A 181 24.89 -1.03 41.01
N ILE A 182 25.64 -1.20 39.92
CA ILE A 182 25.33 -2.25 38.95
C ILE A 182 25.52 -3.61 39.58
N ARG A 183 26.69 -3.87 40.17
CA ARG A 183 26.97 -5.16 40.77
C ARG A 183 26.02 -5.45 41.93
N ARG A 184 25.56 -4.42 42.63
CA ARG A 184 24.59 -4.62 43.70
C ARG A 184 23.24 -5.04 43.15
N LYS A 185 22.76 -4.33 42.12
CA LYS A 185 21.45 -4.64 41.54
C LYS A 185 21.47 -5.96 40.78
N GLU A 186 22.61 -6.31 40.16
CA GLU A 186 22.71 -7.59 39.49
C GLU A 186 22.65 -8.74 40.50
N LYS A 187 23.32 -8.60 41.64
CA LYS A 187 23.33 -9.66 42.63
C LYS A 187 21.98 -9.80 43.34
N GLU A 188 21.21 -8.72 43.44
CA GLU A 188 19.89 -8.83 44.04
C GLU A 188 18.93 -9.59 43.13
N ALA A 189 19.17 -9.56 41.82
CA ALA A 189 18.35 -10.34 40.90
C ALA A 189 18.65 -11.83 41.05
N VAL A 190 19.94 -12.17 41.19
CA VAL A 190 20.34 -13.58 41.30
C VAL A 190 19.73 -14.21 42.54
N LEU A 191 19.67 -13.47 43.65
CA LEU A 191 19.06 -13.99 44.87
C LEU A 191 17.60 -14.37 44.65
N ALA A 192 16.85 -13.53 43.93
CA ALA A 192 15.46 -13.83 43.66
C ALA A 192 15.31 -15.06 42.79
N MET A 193 16.17 -15.21 41.79
CA MET A 193 16.13 -16.36 40.90
C MET A 193 16.89 -17.55 41.48
N GLY B 1 6.62 18.29 -12.96
CA GLY B 1 6.23 19.34 -13.89
C GLY B 1 7.30 20.38 -14.08
N THR B 2 7.30 21.39 -13.21
CA THR B 2 8.29 22.46 -13.30
C THR B 2 9.64 21.97 -12.80
N VAL B 3 10.71 22.43 -13.45
CA VAL B 3 12.06 22.05 -13.04
C VAL B 3 12.36 22.64 -11.67
N HIS B 4 13.01 21.84 -10.82
CA HIS B 4 13.37 22.25 -9.47
C HIS B 4 12.16 22.71 -8.67
N ARG B 5 11.09 21.93 -8.74
CA ARG B 5 9.83 22.23 -8.07
C ARG B 5 9.64 21.25 -6.92
N TRP B 6 9.59 21.76 -5.70
CA TRP B 6 9.29 20.94 -4.52
C TRP B 6 7.78 20.77 -4.44
N ARG B 7 7.28 19.63 -4.90
CA ARG B 7 5.86 19.33 -4.89
C ARG B 7 5.51 18.51 -3.66
N ARG B 8 4.45 18.90 -2.96
CA ARG B 8 3.98 18.20 -1.78
C ARG B 8 2.82 17.29 -2.21
N LEU B 9 3.07 15.99 -2.21
CA LEU B 9 2.12 14.97 -2.60
C LEU B 9 1.25 14.55 -1.43
N PRO B 10 0.11 13.91 -1.69
CA PRO B 10 -0.78 13.48 -0.60
C PRO B 10 -0.05 12.59 0.39
N PRO B 11 -0.11 12.92 1.68
CA PRO B 11 0.58 12.11 2.70
C PRO B 11 -0.12 10.78 2.91
N CYS B 12 0.61 9.88 3.60
CA CYS B 12 0.07 8.56 3.90
C CYS B 12 -1.01 8.67 4.97
N ASP B 13 -2.19 8.12 4.65
CA ASP B 13 -3.28 8.11 5.61
C ASP B 13 -2.95 7.23 6.81
N GLU B 14 -3.56 7.54 7.95
CA GLU B 14 -3.30 6.77 9.17
C GLU B 14 -3.87 5.36 9.07
N PHE B 15 -5.03 5.21 8.42
CA PHE B 15 -5.61 3.88 8.25
C PHE B 15 -4.85 3.04 7.22
N VAL B 16 -3.90 3.63 6.50
CA VAL B 16 -3.02 2.90 5.61
C VAL B 16 -1.70 2.54 6.27
N GLY B 17 -1.06 3.53 6.89
CA GLY B 17 0.19 3.29 7.59
C GLY B 17 0.51 4.45 8.51
N ALA B 18 1.19 4.13 9.62
CA ALA B 18 1.52 5.12 10.61
C ALA B 18 2.70 5.97 10.17
N ARG B 19 2.63 7.27 10.45
CA ARG B 19 3.77 8.16 10.26
C ARG B 19 4.97 7.60 11.00
N ARG B 20 6.10 7.48 10.29
CA ARG B 20 7.22 6.72 10.82
C ARG B 20 8.54 7.40 10.45
N SER B 21 9.60 6.96 11.13
CA SER B 21 10.97 7.34 10.81
C SER B 21 11.85 6.10 10.82
N LYS B 22 13.10 6.28 10.40
CA LYS B 22 14.10 5.20 10.36
C LYS B 22 13.62 4.02 9.54
N HIS B 23 12.87 4.28 8.47
CA HIS B 23 12.32 3.25 7.62
C HIS B 23 13.19 3.12 6.36
N THR B 24 12.65 2.44 5.35
CA THR B 24 13.32 2.29 4.07
C THR B 24 12.32 2.48 2.94
N VAL B 25 12.72 3.22 1.91
CA VAL B 25 11.93 3.38 0.70
C VAL B 25 12.75 2.90 -0.48
N VAL B 26 12.08 2.24 -1.42
CA VAL B 26 12.72 1.64 -2.58
C VAL B 26 11.78 1.79 -3.78
N ALA B 27 12.34 2.13 -4.94
CA ALA B 27 11.57 2.35 -6.14
C ALA B 27 11.51 1.09 -6.98
N TYR B 28 10.34 0.79 -7.53
CA TYR B 28 10.15 -0.31 -8.45
C TYR B 28 9.02 0.06 -9.40
N LYS B 29 9.24 -0.20 -10.70
CA LYS B 29 8.36 0.27 -11.75
C LYS B 29 8.19 1.80 -11.63
N ASP B 30 6.98 2.24 -11.29
CA ASP B 30 6.71 3.64 -10.99
C ASP B 30 5.93 3.73 -9.69
N ALA B 31 6.50 3.18 -8.63
CA ALA B 31 5.86 3.15 -7.33
C ALA B 31 6.90 3.13 -6.23
N ILE B 32 6.62 3.85 -5.15
CA ILE B 32 7.49 3.88 -3.98
C ILE B 32 7.01 2.82 -2.99
N TYR B 33 7.94 2.06 -2.44
CA TYR B 33 7.64 0.99 -1.49
C TYR B 33 8.29 1.31 -0.15
N VAL B 34 7.48 1.32 0.90
CA VAL B 34 7.94 1.66 2.25
C VAL B 34 7.85 0.42 3.11
N PHE B 35 8.94 0.12 3.82
CA PHE B 35 9.00 -1.02 4.73
C PHE B 35 9.64 -0.61 6.05
N GLY B 36 9.09 -1.14 7.14
CA GLY B 36 9.69 -0.96 8.45
C GLY B 36 9.60 0.47 8.95
N GLY B 37 10.27 0.70 10.07
CA GLY B 37 10.37 2.00 10.66
C GLY B 37 9.87 2.03 12.09
N ASP B 38 9.68 3.24 12.60
CA ASP B 38 9.26 3.47 13.98
C ASP B 38 8.19 4.56 13.98
N ASN B 39 7.02 4.24 14.52
CA ASN B 39 5.93 5.20 14.58
C ASN B 39 5.93 6.02 15.85
N GLY B 40 6.85 5.77 16.77
CA GLY B 40 6.91 6.42 18.06
C GLY B 40 6.46 5.53 19.21
N LYS B 41 5.70 4.48 18.93
CA LYS B 41 5.23 3.56 19.95
C LYS B 41 5.74 2.14 19.76
N THR B 42 5.87 1.67 18.52
CA THR B 42 6.33 0.32 18.27
C THR B 42 7.09 0.28 16.94
N MET B 43 7.83 -0.80 16.74
CA MET B 43 8.52 -1.05 15.50
C MET B 43 7.55 -1.66 14.48
N LEU B 44 7.87 -1.48 13.20
CA LEU B 44 6.94 -1.81 12.13
C LEU B 44 7.57 -2.79 11.14
N ASN B 45 6.72 -3.62 10.54
CA ASN B 45 7.15 -4.55 9.50
C ASN B 45 6.13 -4.63 8.37
N ASP B 46 5.34 -3.57 8.18
CA ASP B 46 4.37 -3.55 7.11
C ASP B 46 5.01 -3.04 5.82
N LEU B 47 4.25 -3.10 4.73
CA LEU B 47 4.74 -2.70 3.42
C LEU B 47 3.69 -1.82 2.76
N LEU B 48 4.11 -0.62 2.35
CA LEU B 48 3.23 0.36 1.73
C LEU B 48 3.68 0.61 0.30
N ARG B 49 2.72 0.93 -0.57
CA ARG B 49 3.00 1.22 -1.97
C ARG B 49 2.36 2.55 -2.36
N PHE B 50 3.16 3.44 -2.92
CA PHE B 50 2.71 4.76 -3.35
C PHE B 50 2.89 4.87 -4.86
N ASP B 51 1.79 4.69 -5.60
CA ASP B 51 1.82 4.82 -7.05
C ASP B 51 2.16 6.26 -7.42
N VAL B 52 3.28 6.43 -8.13
CA VAL B 52 3.75 7.77 -8.46
C VAL B 52 2.80 8.44 -9.44
N LYS B 53 2.36 7.72 -10.48
CA LYS B 53 1.48 8.31 -11.48
C LYS B 53 0.07 8.51 -10.92
N ASP B 54 -0.41 7.56 -10.11
CA ASP B 54 -1.75 7.65 -9.57
C ASP B 54 -1.82 8.52 -8.31
N CYS B 55 -0.69 8.77 -7.65
CA CYS B 55 -0.62 9.54 -6.42
C CYS B 55 -1.58 8.99 -5.36
N SER B 56 -1.56 7.67 -5.19
CA SER B 56 -2.43 6.99 -4.25
C SER B 56 -1.61 6.03 -3.39
N TRP B 57 -1.95 5.97 -2.10
CA TRP B 57 -1.31 5.03 -1.19
C TRP B 57 -2.08 3.72 -1.16
N CYS B 58 -1.43 2.69 -0.60
CA CYS B 58 -1.99 1.34 -0.56
C CYS B 58 -1.09 0.47 0.30
N ARG B 59 -1.72 -0.39 1.10
CA ARG B 59 -0.99 -1.43 1.84
C ARG B 59 -0.66 -2.56 0.88
N ALA B 60 0.63 -2.88 0.75
CA ALA B 60 1.04 -3.88 -0.21
C ALA B 60 0.63 -5.28 0.26
N PHE B 61 0.35 -6.15 -0.71
CA PHE B 61 -0.07 -7.51 -0.42
C PHE B 61 1.16 -8.37 -0.20
N THR B 62 1.26 -8.97 1.00
CA THR B 62 2.42 -9.78 1.36
C THR B 62 1.97 -11.14 1.86
N THR B 63 2.53 -12.20 1.29
CA THR B 63 2.39 -13.56 1.77
C THR B 63 3.72 -14.07 2.29
N GLY B 64 3.65 -15.09 3.15
CA GLY B 64 4.83 -15.61 3.81
C GLY B 64 5.18 -14.79 5.04
N THR B 65 6.14 -15.28 5.79
CA THR B 65 6.55 -14.62 7.02
C THR B 65 7.40 -13.39 6.67
N PRO B 66 6.94 -12.19 6.99
CA PRO B 66 7.74 -10.99 6.73
C PRO B 66 8.90 -10.90 7.71
N PRO B 67 9.86 -9.99 7.47
CA PRO B 67 10.91 -9.79 8.48
C PRO B 67 10.30 -9.28 9.77
N ALA B 68 10.96 -9.61 10.88
CA ALA B 68 10.55 -9.08 12.17
C ALA B 68 10.53 -7.55 12.11
N PRO B 69 9.62 -6.91 12.85
CA PRO B 69 9.55 -5.44 12.82
C PRO B 69 10.89 -4.82 13.16
N ARG B 70 11.30 -3.85 12.35
CA ARG B 70 12.66 -3.33 12.48
C ARG B 70 12.73 -1.92 11.93
N TYR B 71 13.77 -1.20 12.36
CA TYR B 71 14.16 0.07 11.77
C TYR B 71 15.68 0.09 11.67
N HIS B 72 16.22 1.15 11.07
CA HIS B 72 17.65 1.27 10.76
C HIS B 72 18.16 0.12 9.92
N HIS B 73 17.26 -0.59 9.25
CA HIS B 73 17.63 -1.65 8.33
C HIS B 73 17.94 -1.06 6.96
N SER B 74 18.35 -1.92 6.03
CA SER B 74 18.61 -1.52 4.67
C SER B 74 17.63 -2.22 3.73
N ALA B 75 17.38 -1.59 2.58
CA ALA B 75 16.52 -2.17 1.57
C ALA B 75 17.00 -1.73 0.19
N VAL B 76 17.21 -2.70 -0.69
CA VAL B 76 17.65 -2.45 -2.05
C VAL B 76 16.77 -3.25 -3.00
N VAL B 77 16.79 -2.86 -4.27
CA VAL B 77 16.01 -3.51 -5.32
C VAL B 77 16.98 -4.16 -6.30
N TYR B 78 16.75 -5.43 -6.58
CA TYR B 78 17.55 -6.17 -7.57
C TYR B 78 16.58 -6.92 -8.47
N GLY B 79 16.52 -6.51 -9.74
CA GLY B 79 15.57 -7.11 -10.65
C GLY B 79 14.14 -6.83 -10.20
N SER B 80 13.38 -7.89 -9.99
CA SER B 80 12.00 -7.77 -9.54
C SER B 80 11.86 -8.22 -8.09
N SER B 81 12.74 -7.74 -7.22
CA SER B 81 12.73 -8.15 -5.83
C SER B 81 13.33 -7.07 -4.97
N MET B 82 12.82 -6.96 -3.74
CA MET B 82 13.38 -6.08 -2.73
C MET B 82 14.13 -6.92 -1.70
N PHE B 83 15.33 -6.49 -1.34
CA PHE B 83 16.19 -7.24 -0.42
C PHE B 83 16.41 -6.41 0.83
N VAL B 84 15.95 -6.92 1.97
CA VAL B 84 16.09 -6.26 3.26
C VAL B 84 17.18 -6.98 4.04
N PHE B 85 18.09 -6.20 4.63
CA PHE B 85 19.18 -6.75 5.41
C PHE B 85 19.37 -5.95 6.69
N GLY B 86 19.74 -6.65 7.76
CA GLY B 86 20.14 -5.99 8.99
C GLY B 86 19.00 -5.27 9.68
N GLY B 87 19.38 -4.41 10.61
CA GLY B 87 18.44 -3.61 11.36
C GLY B 87 18.39 -4.02 12.83
N TYR B 88 17.58 -3.27 13.56
CA TYR B 88 17.34 -3.46 14.98
C TYR B 88 15.98 -4.13 15.16
N THR B 89 15.90 -5.12 16.05
CA THR B 89 14.64 -5.76 16.36
C THR B 89 14.44 -5.78 17.87
N GLY B 90 13.19 -5.77 18.30
CA GLY B 90 12.90 -5.82 19.73
C GLY B 90 11.52 -5.28 20.03
N ASP B 91 11.34 -4.87 21.29
CA ASP B 91 10.07 -4.36 21.80
C ASP B 91 10.33 -3.01 22.46
N ILE B 92 9.97 -1.92 21.77
CA ILE B 92 10.19 -0.58 22.32
C ILE B 92 9.35 -0.37 23.57
N TYR B 93 8.07 -0.76 23.51
CA TYR B 93 7.15 -0.49 24.61
C TYR B 93 7.66 -1.02 25.94
N SER B 94 8.34 -2.17 25.92
CA SER B 94 8.87 -2.77 27.14
C SER B 94 10.38 -2.81 27.20
N ASN B 95 11.07 -2.29 26.18
CA ASN B 95 12.54 -2.30 26.10
C ASN B 95 13.10 -3.69 26.34
N SER B 96 12.59 -4.66 25.57
CA SER B 96 12.95 -6.06 25.74
C SER B 96 13.14 -6.71 24.38
N ASN B 97 13.82 -7.86 24.39
CA ASN B 97 14.11 -8.65 23.20
C ASN B 97 14.86 -7.85 22.13
N LEU B 98 15.58 -6.82 22.56
CA LEU B 98 16.29 -5.93 21.64
C LEU B 98 17.59 -6.57 21.16
N LYS B 99 17.78 -6.62 19.84
CA LYS B 99 18.95 -7.24 19.25
C LYS B 99 19.10 -6.80 17.81
N ASN B 100 20.34 -6.67 17.36
CA ASN B 100 20.62 -6.42 15.96
C ASN B 100 20.40 -7.70 15.14
N LYS B 101 20.41 -7.54 13.81
CA LYS B 101 20.14 -8.65 12.90
C LYS B 101 21.11 -8.62 11.73
N ASN B 102 21.38 -9.80 11.18
CA ASN B 102 22.14 -9.93 9.94
C ASN B 102 21.42 -10.86 8.97
N ASP B 103 20.10 -10.95 9.06
CA ASP B 103 19.32 -11.78 8.17
C ASP B 103 19.09 -11.08 6.84
N LEU B 104 18.60 -11.83 5.86
CA LEU B 104 18.40 -11.33 4.50
C LEU B 104 17.07 -11.85 3.99
N PHE B 105 16.14 -10.93 3.72
CA PHE B 105 14.81 -11.26 3.25
C PHE B 105 14.60 -10.71 1.85
N GLU B 106 13.92 -11.50 1.01
CA GLU B 106 13.61 -11.10 -0.35
C GLU B 106 12.09 -10.98 -0.50
N TYR B 107 11.64 -9.89 -1.12
CA TYR B 107 10.23 -9.66 -1.41
C TYR B 107 10.04 -9.65 -2.93
N LYS B 108 9.37 -10.67 -3.45
CA LYS B 108 9.08 -10.76 -4.88
C LYS B 108 7.90 -9.84 -5.19
N PHE B 109 8.19 -8.71 -5.84
CA PHE B 109 7.14 -7.76 -6.20
C PHE B 109 6.01 -8.42 -6.97
N ALA B 110 6.36 -9.26 -7.95
CA ALA B 110 5.36 -9.91 -8.78
C ALA B 110 4.33 -10.68 -7.96
N THR B 111 4.79 -11.54 -7.05
CA THR B 111 3.90 -12.42 -6.31
C THR B 111 3.67 -11.97 -4.87
N GLY B 112 4.41 -10.98 -4.38
CA GLY B 112 4.25 -10.57 -3.00
C GLY B 112 4.77 -11.58 -1.99
N GLN B 113 5.84 -12.30 -2.35
CA GLN B 113 6.36 -13.40 -1.54
C GLN B 113 7.52 -12.91 -0.68
N TRP B 114 7.40 -13.13 0.63
CA TRP B 114 8.50 -12.88 1.56
C TRP B 114 9.28 -14.17 1.74
N THR B 115 10.53 -14.19 1.29
CA THR B 115 11.39 -15.35 1.40
C THR B 115 12.64 -14.95 2.15
N GLU B 116 13.01 -15.75 3.15
CA GLU B 116 14.26 -15.53 3.87
C GLU B 116 15.37 -16.29 3.17
N TRP B 117 16.48 -15.61 2.91
CA TRP B 117 17.67 -16.26 2.35
C TRP B 117 18.53 -16.72 3.52
N LYS B 118 18.31 -17.96 3.95
CA LYS B 118 19.07 -18.54 5.05
C LYS B 118 20.44 -18.93 4.50
N ILE B 119 21.41 -18.05 4.67
CA ILE B 119 22.73 -18.23 4.10
C ILE B 119 23.58 -19.06 5.04
N GLU B 120 24.20 -20.11 4.51
CA GLU B 120 25.11 -20.92 5.31
C GLU B 120 26.51 -20.32 5.29
N GLY B 121 27.34 -20.79 6.21
CA GLY B 121 28.69 -20.29 6.33
C GLY B 121 28.77 -19.06 7.21
N ARG B 122 29.95 -18.44 7.18
CA ARG B 122 30.17 -17.26 8.01
C ARG B 122 29.37 -16.07 7.50
N LEU B 123 28.76 -15.34 8.44
CA LEU B 123 27.92 -14.20 8.16
C LEU B 123 28.60 -12.91 8.62
N PRO B 124 28.21 -11.77 8.05
CA PRO B 124 28.64 -10.49 8.63
C PRO B 124 27.98 -10.27 9.99
N VAL B 125 28.66 -9.49 10.83
CA VAL B 125 28.15 -9.22 12.17
C VAL B 125 26.82 -8.50 12.07
N ALA B 126 25.87 -8.91 12.93
CA ALA B 126 24.57 -8.25 12.99
C ALA B 126 24.77 -6.77 13.29
N ARG B 127 24.06 -5.92 12.55
CA ARG B 127 24.35 -4.50 12.59
C ARG B 127 23.10 -3.71 12.22
N SER B 128 23.17 -2.40 12.47
CA SER B 128 22.11 -1.47 12.10
C SER B 128 22.76 -0.18 11.60
N ALA B 129 21.95 0.65 10.96
CA ALA B 129 22.38 1.96 10.44
C ALA B 129 23.53 1.83 9.45
N HIS B 130 23.62 0.69 8.78
CA HIS B 130 24.66 0.47 7.79
C HIS B 130 24.26 1.05 6.44
N GLY B 131 25.24 1.13 5.54
CA GLY B 131 24.98 1.51 4.17
C GLY B 131 24.86 0.27 3.30
N ALA B 132 24.00 0.36 2.28
CA ALA B 132 23.77 -0.76 1.40
C ALA B 132 23.50 -0.27 -0.02
N THR B 133 23.87 -1.10 -1.00
CA THR B 133 23.65 -0.79 -2.41
C THR B 133 23.80 -2.08 -3.19
N VAL B 134 23.35 -2.04 -4.45
CA VAL B 134 23.43 -3.18 -5.35
C VAL B 134 24.26 -2.78 -6.56
N TYR B 135 25.32 -3.53 -6.84
CA TYR B 135 26.15 -3.30 -8.00
C TYR B 135 26.75 -4.63 -8.45
N SER B 136 26.72 -4.86 -9.77
CA SER B 136 27.29 -6.06 -10.38
C SER B 136 26.67 -7.33 -9.79
N ASP B 137 25.34 -7.32 -9.65
CA ASP B 137 24.57 -8.48 -9.20
C ASP B 137 24.96 -8.96 -7.80
N LYS B 138 25.42 -8.04 -6.96
CA LYS B 138 25.78 -8.36 -5.59
C LYS B 138 25.30 -7.27 -4.66
N LEU B 139 24.85 -7.65 -3.47
CA LEU B 139 24.42 -6.70 -2.45
C LEU B 139 25.62 -6.31 -1.61
N TRP B 140 25.86 -5.01 -1.48
CA TRP B 140 27.03 -4.48 -0.79
C TRP B 140 26.59 -3.91 0.55
N ILE B 141 27.19 -4.39 1.63
CA ILE B 141 26.93 -3.91 2.98
C ILE B 141 28.18 -3.22 3.49
N PHE B 142 28.01 -2.08 4.15
CA PHE B 142 29.15 -1.30 4.59
C PHE B 142 28.85 -0.62 5.93
N ALA B 143 29.78 -0.75 6.87
CA ALA B 143 29.81 0.02 8.12
C ALA B 143 28.57 -0.31 8.95
N GLY B 144 28.13 0.64 9.77
CA GLY B 144 27.00 0.46 10.65
C GLY B 144 27.43 0.30 12.10
N TYR B 145 26.48 -0.06 12.94
CA TYR B 145 26.70 -0.27 14.37
C TYR B 145 26.25 -1.68 14.74
N ASP B 146 27.15 -2.44 15.34
CA ASP B 146 26.88 -3.83 15.65
C ASP B 146 26.31 -4.05 17.05
N GLY B 147 26.40 -3.06 17.92
CA GLY B 147 25.96 -3.20 19.29
C GLY B 147 27.03 -2.88 20.31
N ASN B 148 28.29 -2.90 19.88
CA ASN B 148 29.41 -2.56 20.76
C ASN B 148 30.28 -1.44 20.22
N ALA B 149 30.33 -1.25 18.91
CA ALA B 149 31.16 -0.21 18.32
C ALA B 149 30.70 0.02 16.88
N ARG B 150 31.04 1.20 16.36
CA ARG B 150 30.77 1.47 14.96
C ARG B 150 31.70 0.64 14.09
N LEU B 151 31.26 0.39 12.86
CA LEU B 151 31.96 -0.52 11.96
C LEU B 151 32.42 0.20 10.69
N ASN B 152 33.34 -0.45 9.99
CA ASN B 152 33.78 0.07 8.69
C ASN B 152 34.17 -1.06 7.74
N ASP B 153 33.83 -2.31 8.05
CA ASP B 153 34.08 -3.42 7.13
C ASP B 153 33.06 -3.40 6.00
N MET B 154 33.28 -4.26 5.02
CA MET B 154 32.41 -4.34 3.85
C MET B 154 32.22 -5.79 3.45
N TRP B 155 30.96 -6.17 3.21
CA TRP B 155 30.60 -7.52 2.83
C TRP B 155 29.73 -7.49 1.58
N THR B 156 29.83 -8.55 0.79
CA THR B 156 29.00 -8.72 -0.40
C THR B 156 28.37 -10.10 -0.38
N ILE B 157 27.32 -10.25 -1.19
CA ILE B 157 26.64 -11.53 -1.36
C ILE B 157 25.93 -11.53 -2.71
N GLY B 158 26.11 -12.58 -3.48
CA GLY B 158 25.46 -12.67 -4.77
C GLY B 158 23.96 -12.82 -4.63
N LEU B 159 23.22 -12.12 -5.50
CA LEU B 159 21.76 -12.14 -5.50
C LEU B 159 21.18 -12.88 -6.69
N GLN B 160 22.02 -13.59 -7.45
CA GLN B 160 21.52 -14.29 -8.63
C GLN B 160 20.86 -15.61 -8.24
N ASP B 161 21.63 -16.53 -7.65
CA ASP B 161 21.10 -17.82 -7.22
C ASP B 161 21.31 -17.94 -5.72
N ARG B 162 20.20 -18.01 -4.97
CA ARG B 162 20.28 -18.12 -3.52
C ARG B 162 20.86 -19.45 -3.08
N GLU B 163 20.66 -20.51 -3.86
CA GLU B 163 21.14 -21.83 -3.48
C GLU B 163 22.66 -21.90 -3.49
N LEU B 164 23.33 -21.11 -4.31
CA LEU B 164 24.77 -21.19 -4.46
C LEU B 164 25.52 -19.99 -3.85
N THR B 165 24.81 -18.95 -3.44
CA THR B 165 25.43 -17.74 -2.94
C THR B 165 25.95 -17.91 -1.51
N CYS B 166 26.81 -16.97 -1.10
CA CYS B 166 27.37 -16.92 0.24
C CYS B 166 27.89 -15.52 0.48
N TRP B 167 28.20 -15.23 1.75
CA TRP B 167 28.73 -13.93 2.12
C TRP B 167 30.25 -13.88 1.93
N GLU B 168 30.73 -12.73 1.47
CA GLU B 168 32.16 -12.50 1.24
C GLU B 168 32.54 -11.15 1.83
N GLU B 169 33.53 -11.14 2.72
CA GLU B 169 34.04 -9.89 3.24
C GLU B 169 35.03 -9.27 2.25
N VAL B 170 34.94 -7.96 2.09
CA VAL B 170 35.74 -7.24 1.09
C VAL B 170 37.04 -6.79 1.73
N ALA B 171 38.15 -7.14 1.10
CA ALA B 171 39.46 -6.63 1.50
C ALA B 171 39.61 -5.22 0.93
N GLN B 172 39.11 -4.24 1.69
CA GLN B 172 39.14 -2.87 1.23
C GLN B 172 40.55 -2.31 1.26
N SER B 173 40.83 -1.41 0.32
CA SER B 173 42.08 -0.66 0.28
C SER B 173 41.78 0.81 0.11
N GLY B 174 42.81 1.63 0.23
CA GLY B 174 42.65 3.06 0.13
C GLY B 174 42.31 3.69 1.47
N GLU B 175 41.72 4.89 1.39
CA GLU B 175 41.37 5.65 2.59
C GLU B 175 39.96 5.26 3.01
N ILE B 176 39.87 4.14 3.73
CA ILE B 176 38.59 3.64 4.22
C ILE B 176 37.96 4.69 5.13
N PRO B 177 36.68 5.03 4.94
CA PRO B 177 36.02 5.96 5.86
C PRO B 177 36.04 5.43 7.27
N PRO B 178 36.26 6.29 8.27
CA PRO B 178 36.24 5.83 9.66
C PRO B 178 34.90 5.21 10.02
N SER B 179 34.91 4.43 11.11
CA SER B 179 33.73 3.74 11.61
C SER B 179 32.53 4.68 11.68
N CYS B 180 31.52 4.43 10.83
CA CYS B 180 30.43 5.36 10.62
C CYS B 180 29.09 4.62 10.68
N CYS B 181 28.06 5.36 11.06
CA CYS B 181 26.69 4.85 11.04
C CYS B 181 25.76 6.02 10.73
N ASN B 182 24.54 5.68 10.31
CA ASN B 182 23.52 6.68 9.95
C ASN B 182 24.03 7.60 8.84
N PHE B 183 24.43 6.98 7.74
CA PHE B 183 24.97 7.68 6.58
C PHE B 183 24.27 7.21 5.31
N PRO B 184 24.19 8.06 4.30
CA PRO B 184 23.57 7.65 3.04
C PRO B 184 24.57 7.06 2.06
N VAL B 185 24.05 6.26 1.15
CA VAL B 185 24.85 5.60 0.12
C VAL B 185 24.13 5.77 -1.22
N ALA B 186 24.86 6.25 -2.21
CA ALA B 186 24.32 6.43 -3.55
C ALA B 186 25.38 6.01 -4.55
N VAL B 187 25.01 5.17 -5.51
CA VAL B 187 25.92 4.69 -6.53
C VAL B 187 25.77 5.57 -7.76
N CYS B 188 26.90 5.89 -8.39
CA CYS B 188 26.90 6.69 -9.61
C CYS B 188 28.04 6.20 -10.49
N ARG B 189 27.72 5.93 -11.75
CA ARG B 189 28.67 5.38 -12.72
C ARG B 189 29.14 4.04 -12.18
N ASP B 190 30.43 3.83 -11.95
CA ASP B 190 30.94 2.58 -11.38
C ASP B 190 31.52 2.82 -9.98
N LYS B 191 31.03 3.83 -9.28
CA LYS B 191 31.57 4.23 -7.99
C LYS B 191 30.44 4.39 -6.97
N MET B 192 30.76 4.06 -5.72
CA MET B 192 29.83 4.23 -4.60
C MET B 192 30.26 5.45 -3.79
N PHE B 193 29.28 6.27 -3.39
CA PHE B 193 29.54 7.52 -2.71
C PHE B 193 28.90 7.53 -1.33
N VAL B 194 29.63 8.07 -0.37
CA VAL B 194 29.17 8.22 1.02
C VAL B 194 29.56 9.61 1.49
N PHE B 195 28.61 10.35 2.05
CA PHE B 195 28.84 11.71 2.50
C PHE B 195 28.46 11.84 3.97
N SER B 196 29.41 12.32 4.78
CA SER B 196 29.19 12.66 6.20
C SER B 196 28.69 11.42 6.93
N GLY B 197 27.73 11.55 7.83
CA GLY B 197 27.28 10.47 8.67
C GLY B 197 27.92 10.52 10.04
N GLN B 198 27.24 9.89 11.00
CA GLN B 198 27.73 9.86 12.39
C GLN B 198 28.92 8.93 12.49
N SER B 199 30.11 9.50 12.69
CA SER B 199 31.32 8.71 12.90
C SER B 199 32.01 9.10 14.20
N GLY B 200 31.24 9.51 15.20
CA GLY B 200 31.82 9.80 16.50
C GLY B 200 32.73 11.01 16.46
N ALA B 201 33.92 10.86 17.05
CA ALA B 201 34.86 11.96 17.14
C ALA B 201 35.39 12.39 15.76
N LYS B 202 35.21 11.57 14.74
CA LYS B 202 35.72 11.85 13.41
C LYS B 202 34.62 12.28 12.45
N ILE B 203 33.57 12.91 12.96
CA ILE B 203 32.49 13.38 12.10
C ILE B 203 32.97 14.57 11.28
N THR B 204 32.83 14.46 9.96
CA THR B 204 33.24 15.51 9.03
C THR B 204 32.19 15.63 7.94
N ASN B 205 32.37 16.64 7.09
CA ASN B 205 31.59 16.77 5.86
C ASN B 205 32.40 16.27 4.67
N ASN B 206 33.10 15.16 4.86
CA ASN B 206 33.94 14.60 3.81
C ASN B 206 33.11 13.72 2.88
N LEU B 207 33.56 13.65 1.63
CA LEU B 207 32.93 12.81 0.62
C LEU B 207 33.89 11.70 0.22
N PHE B 208 33.42 10.46 0.30
CA PHE B 208 34.22 9.29 -0.05
C PHE B 208 33.60 8.58 -1.24
N GLN B 209 34.46 8.16 -2.17
CA GLN B 209 34.04 7.34 -3.30
C GLN B 209 34.67 5.96 -3.18
N PHE B 210 33.94 4.96 -3.64
CA PHE B 210 34.40 3.57 -3.60
C PHE B 210 34.30 3.02 -5.01
N GLU B 211 35.44 2.69 -5.61
CA GLU B 211 35.47 2.08 -6.93
C GLU B 211 35.32 0.57 -6.76
N PHE B 212 34.20 0.03 -7.23
CA PHE B 212 33.89 -1.39 -7.03
C PHE B 212 34.97 -2.30 -7.61
N LYS B 213 35.62 -1.89 -8.69
CA LYS B 213 36.44 -2.83 -9.44
C LYS B 213 37.77 -3.11 -8.74
N ASP B 214 38.40 -2.07 -8.19
CA ASP B 214 39.65 -2.24 -7.45
C ASP B 214 39.42 -2.29 -5.94
N LYS B 215 38.18 -2.14 -5.47
CA LYS B 215 37.85 -2.17 -4.05
C LYS B 215 38.68 -1.17 -3.26
N THR B 216 38.72 0.07 -3.75
CA THR B 216 39.53 1.12 -3.18
C THR B 216 38.65 2.31 -2.80
N TRP B 217 38.95 2.90 -1.63
CA TRP B 217 38.27 4.10 -1.17
C TRP B 217 39.12 5.32 -1.49
N THR B 218 38.46 6.43 -1.83
CA THR B 218 39.15 7.68 -2.12
C THR B 218 38.34 8.82 -1.56
N ARG B 219 38.97 9.63 -0.71
CA ARG B 219 38.34 10.83 -0.15
C ARG B 219 38.54 11.98 -1.13
N ILE B 220 37.45 12.44 -1.73
CA ILE B 220 37.50 13.52 -2.72
C ILE B 220 37.79 14.84 -2.03
N PRO B 221 38.92 15.48 -2.34
CA PRO B 221 39.21 16.78 -1.74
C PRO B 221 38.36 17.86 -2.38
N THR B 222 38.19 18.94 -1.63
CA THR B 222 37.40 20.09 -2.08
C THR B 222 38.30 21.30 -2.16
N GLU B 223 38.36 21.92 -3.34
CA GLU B 223 39.09 23.16 -3.57
C GLU B 223 38.16 24.36 -3.59
N HIS B 224 36.98 24.22 -3.00
CA HIS B 224 35.98 25.29 -3.00
C HIS B 224 36.54 26.60 -2.49
N LEU B 225 37.41 26.54 -1.48
CA LEU B 225 38.01 27.75 -0.93
C LEU B 225 38.81 28.49 -1.99
N LEU B 226 39.64 27.75 -2.74
CA LEU B 226 40.57 28.38 -3.67
C LEU B 226 39.85 28.91 -4.91
N ARG B 227 38.94 28.12 -5.47
CA ARG B 227 38.21 28.51 -6.66
C ARG B 227 36.90 29.23 -6.36
N GLY B 228 36.70 29.68 -5.13
CA GLY B 228 35.47 30.35 -4.75
C GLY B 228 34.23 29.52 -4.99
N SER B 229 34.34 28.20 -4.99
CA SER B 229 33.21 27.32 -5.22
C SER B 229 32.39 27.18 -3.94
N PRO B 230 31.12 26.80 -4.07
CA PRO B 230 30.27 26.64 -2.88
C PRO B 230 30.85 25.60 -1.94
N PRO B 231 30.85 25.88 -0.63
CA PRO B 231 31.39 24.91 0.33
C PRO B 231 30.54 23.66 0.39
N PRO B 232 31.09 22.55 0.89
CA PRO B 232 30.30 21.34 1.02
C PRO B 232 29.24 21.50 2.10
N PRO B 233 28.20 20.66 2.08
CA PRO B 233 27.16 20.78 3.12
C PRO B 233 27.72 20.57 4.51
N GLN B 234 27.00 21.09 5.49
CA GLN B 234 27.41 20.94 6.88
C GLN B 234 27.35 19.47 7.29
N ARG B 235 28.27 19.06 8.15
CA ARG B 235 28.28 17.70 8.66
C ARG B 235 26.95 17.36 9.31
N ARG B 236 26.50 16.13 9.12
CA ARG B 236 25.15 15.76 9.53
C ARG B 236 25.04 14.24 9.53
N TYR B 237 23.99 13.74 10.17
CA TYR B 237 23.64 12.33 10.16
C TYR B 237 22.15 12.19 9.91
N GLY B 238 21.74 10.99 9.51
CA GLY B 238 20.33 10.74 9.25
C GLY B 238 19.80 11.43 8.01
N HIS B 239 20.67 11.73 7.06
CA HIS B 239 20.30 12.38 5.81
C HIS B 239 20.28 11.38 4.67
N THR B 240 19.62 11.77 3.59
CA THR B 240 19.53 10.95 2.38
C THR B 240 20.46 11.50 1.30
N MET B 241 20.77 10.64 0.33
CA MET B 241 21.55 11.04 -0.82
C MET B 241 21.20 10.14 -1.98
N VAL B 242 20.78 10.74 -3.10
CA VAL B 242 20.46 10.01 -4.31
C VAL B 242 21.34 10.53 -5.44
N ALA B 243 21.47 9.71 -6.48
CA ALA B 243 22.26 10.05 -7.65
C ALA B 243 21.35 10.16 -8.87
N PHE B 244 21.45 11.28 -9.57
CA PHE B 244 20.74 11.47 -10.83
C PHE B 244 21.68 12.14 -11.83
N ASP B 245 21.59 11.69 -13.09
CA ASP B 245 22.48 12.16 -14.15
C ASP B 245 23.93 11.97 -13.71
N ARG B 246 24.68 13.07 -13.62
CA ARG B 246 26.02 13.02 -13.04
C ARG B 246 26.08 13.91 -11.81
N HIS B 247 25.13 13.74 -10.89
CA HIS B 247 25.02 14.61 -9.73
C HIS B 247 24.49 13.82 -8.55
N LEU B 248 24.96 14.17 -7.36
CA LEU B 248 24.44 13.64 -6.11
C LEU B 248 23.64 14.72 -5.40
N TYR B 249 22.52 14.32 -4.79
CA TYR B 249 21.59 15.25 -4.15
C TYR B 249 21.44 14.85 -2.69
N VAL B 250 21.95 15.69 -1.79
CA VAL B 250 21.87 15.47 -0.35
C VAL B 250 20.76 16.34 0.23
N PHE B 251 19.97 15.77 1.14
CA PHE B 251 18.89 16.50 1.76
C PHE B 251 18.64 15.98 3.17
N GLY B 252 18.27 16.88 4.06
CA GLY B 252 17.80 16.50 5.38
C GLY B 252 18.93 16.21 6.36
N GLY B 253 18.55 15.56 7.45
CA GLY B 253 19.50 15.22 8.50
C GLY B 253 19.54 16.25 9.60
N ALA B 254 20.33 15.92 10.63
CA ALA B 254 20.53 16.76 11.80
C ALA B 254 21.97 17.26 11.79
N ALA B 255 22.14 18.57 11.64
CA ALA B 255 23.47 19.18 11.54
C ALA B 255 23.70 20.06 12.75
N ASP B 256 24.51 19.55 13.69
CA ASP B 256 24.89 20.25 14.92
C ASP B 256 23.65 20.84 15.62
N ASN B 257 22.82 19.91 16.09
CA ASN B 257 21.61 20.23 16.85
C ASN B 257 20.65 21.12 16.05
N THR B 258 20.70 21.02 14.74
CA THR B 258 19.81 21.76 13.85
C THR B 258 19.34 20.84 12.74
N LEU B 259 18.20 21.17 12.15
CA LEU B 259 17.60 20.39 11.07
C LEU B 259 17.46 21.27 9.83
N PRO B 260 18.55 21.50 9.11
CA PRO B 260 18.45 22.29 7.87
C PRO B 260 17.67 21.56 6.80
N ASN B 261 17.17 22.34 5.83
CA ASN B 261 16.34 21.79 4.76
C ASN B 261 16.84 22.23 3.38
N GLU B 262 18.11 22.58 3.28
CA GLU B 262 18.68 22.98 2.00
C GLU B 262 18.95 21.75 1.14
N LEU B 263 18.78 21.91 -0.17
CA LEU B 263 19.08 20.85 -1.12
C LEU B 263 20.47 21.10 -1.70
N HIS B 264 21.39 20.18 -1.44
CA HIS B 264 22.76 20.30 -1.91
C HIS B 264 23.01 19.36 -3.09
N CYS B 265 23.74 19.86 -4.08
CA CYS B 265 24.03 19.11 -5.30
C CYS B 265 25.53 19.04 -5.51
N TYR B 266 26.02 17.84 -5.82
CA TYR B 266 27.45 17.59 -6.05
C TYR B 266 27.65 17.17 -7.50
N ASP B 267 28.48 17.92 -8.22
CA ASP B 267 28.89 17.55 -9.58
C ASP B 267 30.06 16.60 -9.48
N VAL B 268 29.80 15.30 -9.68
CA VAL B 268 30.86 14.30 -9.58
C VAL B 268 31.93 14.54 -10.64
N ASP B 269 31.53 14.98 -11.83
CA ASP B 269 32.48 15.19 -12.91
C ASP B 269 33.29 16.48 -12.73
N PHE B 270 32.73 17.51 -12.11
CA PHE B 270 33.43 18.77 -11.90
C PHE B 270 33.80 19.02 -10.44
N GLN B 271 33.64 18.00 -9.59
CA GLN B 271 34.03 18.03 -8.17
C GLN B 271 33.65 19.34 -7.50
N THR B 272 32.38 19.72 -7.63
CA THR B 272 31.90 20.97 -7.06
C THR B 272 30.55 20.74 -6.40
N TRP B 273 30.29 21.51 -5.36
CA TRP B 273 29.01 21.47 -4.67
C TRP B 273 28.13 22.64 -5.11
N GLU B 274 26.84 22.53 -4.80
CA GLU B 274 25.89 23.59 -5.12
C GLU B 274 24.75 23.53 -4.12
N VAL B 275 24.00 24.63 -4.04
CA VAL B 275 22.75 24.69 -3.29
C VAL B 275 21.64 24.99 -4.30
N VAL B 276 20.89 23.95 -4.67
CA VAL B 276 19.86 24.09 -5.70
C VAL B 276 18.79 25.05 -5.22
N GLN B 277 18.44 26.01 -6.07
CA GLN B 277 17.38 26.96 -5.75
C GLN B 277 16.05 26.42 -6.25
N PRO B 278 15.06 26.21 -5.39
CA PRO B 278 13.77 25.71 -5.84
C PRO B 278 12.99 26.78 -6.59
N SER B 279 11.91 26.34 -7.23
CA SER B 279 11.09 27.23 -8.02
C SER B 279 10.27 28.15 -7.12
N SER B 280 9.62 29.13 -7.74
CA SER B 280 8.80 30.09 -7.00
C SER B 280 7.61 29.39 -6.33
N ASP B 281 6.90 28.55 -7.08
CA ASP B 281 5.74 27.83 -6.57
C ASP B 281 6.12 26.50 -5.95
N SER B 282 7.23 26.44 -5.22
CA SER B 282 7.67 25.21 -4.59
C SER B 282 7.06 25.07 -3.20
N GLU B 283 6.62 23.86 -2.88
CA GLU B 283 6.11 23.55 -1.54
C GLU B 283 7.27 22.94 -0.75
N LEU B 284 8.08 23.84 -0.19
CA LEU B 284 9.32 23.43 0.45
C LEU B 284 9.04 22.53 1.65
N PRO B 285 9.74 21.42 1.79
CA PRO B 285 9.56 20.57 2.99
C PRO B 285 10.37 21.10 4.16
N SER B 286 9.95 20.68 5.35
CA SER B 286 10.62 21.10 6.56
C SER B 286 11.84 20.24 6.83
N GLY B 287 12.72 20.73 7.70
CA GLY B 287 13.90 19.99 8.08
C GLY B 287 13.55 18.71 8.81
N ARG B 288 14.05 17.58 8.30
CA ARG B 288 13.76 16.28 8.89
C ARG B 288 15.01 15.42 8.84
N LEU B 289 14.99 14.37 9.67
CA LEU B 289 16.07 13.40 9.70
C LEU B 289 15.48 12.00 9.76
N PHE B 290 16.31 11.01 9.47
CA PHE B 290 15.90 9.61 9.46
C PHE B 290 14.73 9.37 8.49
N HIS B 291 14.65 10.18 7.45
CA HIS B 291 13.71 9.96 6.36
C HIS B 291 14.36 9.02 5.34
N ALA B 292 13.75 8.89 4.17
CA ALA B 292 14.31 8.03 3.13
C ALA B 292 13.93 8.58 1.77
N ALA B 293 14.78 8.33 0.78
CA ALA B 293 14.64 8.92 -0.54
C ALA B 293 14.79 7.85 -1.62
N ALA B 294 14.22 8.15 -2.78
CA ALA B 294 14.30 7.28 -3.95
C ALA B 294 14.08 8.13 -5.19
N VAL B 295 14.53 7.62 -6.34
CA VAL B 295 14.46 8.33 -7.61
C VAL B 295 13.68 7.48 -8.59
N ILE B 296 12.65 8.06 -9.20
CA ILE B 296 11.89 7.45 -10.28
C ILE B 296 11.92 8.39 -11.46
N SER B 297 12.51 7.93 -12.57
CA SER B 297 12.70 8.75 -13.78
C SER B 297 13.47 10.01 -13.36
N ASP B 298 13.03 11.19 -13.76
CA ASP B 298 13.72 12.44 -13.43
C ASP B 298 13.07 13.15 -12.25
N ALA B 299 12.92 12.45 -11.12
CA ALA B 299 12.29 13.03 -9.95
C ALA B 299 12.75 12.31 -8.70
N MET B 300 12.93 13.07 -7.62
CA MET B 300 13.29 12.52 -6.32
C MET B 300 12.06 12.55 -5.40
N TYR B 301 11.96 11.55 -4.54
CA TYR B 301 10.81 11.39 -3.64
C TYR B 301 11.30 11.19 -2.21
N ILE B 302 10.78 12.01 -1.30
CA ILE B 302 11.10 11.95 0.12
C ILE B 302 9.88 11.49 0.89
N PHE B 303 10.08 10.62 1.88
CA PHE B 303 8.98 10.13 2.70
C PHE B 303 9.41 10.02 4.16
N GLY B 304 8.52 10.44 5.06
CA GLY B 304 8.70 10.20 6.48
C GLY B 304 9.79 11.05 7.11
N GLY B 305 10.26 10.60 8.26
CA GLY B 305 11.27 11.29 9.02
C GLY B 305 10.68 12.07 10.20
N THR B 306 11.53 12.30 11.19
CA THR B 306 11.16 13.10 12.37
C THR B 306 11.30 14.57 12.01
N VAL B 307 10.17 15.29 11.98
CA VAL B 307 10.20 16.70 11.57
C VAL B 307 10.80 17.56 12.66
N ASP B 308 10.36 17.39 13.91
CA ASP B 308 10.85 18.16 15.04
C ASP B 308 10.17 17.65 16.29
N ASN B 309 10.80 17.94 17.44
CA ASN B 309 10.27 17.58 18.77
C ASN B 309 9.80 16.12 18.83
N ASN B 310 10.49 15.25 18.10
CA ASN B 310 10.16 13.82 18.03
C ASN B 310 8.75 13.58 17.49
N ILE B 311 8.34 14.39 16.52
CA ILE B 311 7.08 14.19 15.80
C ILE B 311 7.37 13.43 14.52
N ARG B 312 6.76 12.25 14.38
CA ARG B 312 6.93 11.44 13.17
C ARG B 312 6.06 11.97 12.06
N SER B 313 6.62 12.02 10.85
CA SER B 313 5.95 12.54 9.68
C SER B 313 5.58 11.42 8.71
N GLY B 314 4.57 11.69 7.90
CA GLY B 314 4.16 10.78 6.85
C GLY B 314 3.95 11.50 5.53
N GLU B 315 4.74 12.56 5.31
CA GLU B 315 4.57 13.42 4.15
C GLU B 315 5.38 12.90 2.98
N MET B 316 4.81 13.04 1.77
CA MET B 316 5.47 12.66 0.53
C MET B 316 5.79 13.91 -0.27
N TYR B 317 7.07 14.27 -0.33
CA TYR B 317 7.52 15.40 -1.14
C TYR B 317 8.22 14.89 -2.39
N ARG B 318 8.10 15.66 -3.48
CA ARG B 318 8.65 15.26 -4.77
C ARG B 318 9.40 16.44 -5.38
N PHE B 319 10.68 16.23 -5.70
CA PHE B 319 11.52 17.22 -6.34
C PHE B 319 11.75 16.83 -7.79
N GLN B 320 11.60 17.78 -8.70
CA GLN B 320 11.74 17.55 -10.13
C GLN B 320 13.17 17.92 -10.55
N PHE B 321 13.88 16.95 -11.13
CA PHE B 321 15.26 17.15 -11.53
C PHE B 321 15.34 17.90 -12.86
N SER B 322 16.34 18.75 -12.99
CA SER B 322 16.57 19.51 -14.23
C SER B 322 16.75 18.57 -15.43
N SER C 19 -15.68 -30.11 -3.77
CA SER C 19 -14.58 -30.81 -4.42
C SER C 19 -13.81 -29.89 -5.34
N ARG C 20 -12.81 -30.42 -6.02
CA ARG C 20 -11.96 -29.61 -6.89
C ARG C 20 -12.75 -29.16 -8.11
N GLU C 21 -12.95 -27.85 -8.23
CA GLU C 21 -13.66 -27.24 -9.35
C GLU C 21 -12.68 -26.40 -10.17
N TYR C 22 -12.55 -26.74 -11.46
CA TYR C 22 -11.68 -26.00 -12.37
C TYR C 22 -12.52 -25.00 -13.15
N LYS C 23 -12.23 -23.73 -12.98
CA LYS C 23 -12.97 -22.65 -13.62
C LYS C 23 -12.25 -22.22 -14.90
N LEU C 24 -12.89 -22.42 -16.05
CA LEU C 24 -12.32 -22.12 -17.35
C LEU C 24 -13.12 -21.03 -18.05
N VAL C 25 -12.45 -20.33 -18.96
CA VAL C 25 -13.04 -19.20 -19.67
C VAL C 25 -12.87 -19.41 -21.17
N MET C 26 -13.97 -19.29 -21.92
CA MET C 26 -13.95 -19.41 -23.37
C MET C 26 -13.79 -18.04 -23.99
N LEU C 27 -12.60 -17.76 -24.54
CA LEU C 27 -12.34 -16.49 -25.22
C LEU C 27 -12.30 -16.70 -26.72
N GLY C 28 -12.77 -15.70 -27.45
CA GLY C 28 -12.79 -15.75 -28.89
C GLY C 28 -13.70 -14.69 -29.47
N ALA C 29 -13.45 -14.35 -30.73
CA ALA C 29 -14.26 -13.36 -31.41
C ALA C 29 -15.69 -13.88 -31.60
N GLY C 30 -16.60 -12.95 -31.88
CA GLY C 30 -17.99 -13.30 -32.07
C GLY C 30 -18.23 -14.18 -33.29
N GLY C 31 -18.90 -15.31 -33.09
CA GLY C 31 -19.29 -16.18 -34.17
C GLY C 31 -18.31 -17.29 -34.51
N VAL C 32 -17.22 -17.43 -33.75
CA VAL C 32 -16.26 -18.50 -34.04
C VAL C 32 -16.79 -19.87 -33.62
N GLY C 33 -17.73 -19.91 -32.67
CA GLY C 33 -18.30 -21.18 -32.26
C GLY C 33 -18.06 -21.53 -30.81
N LYS C 34 -17.80 -20.52 -29.98
CA LYS C 34 -17.54 -20.77 -28.56
C LYS C 34 -18.69 -21.52 -27.90
N SER C 35 -19.92 -21.06 -28.15
CA SER C 35 -21.09 -21.71 -27.55
C SER C 35 -21.27 -23.13 -28.10
N ALA C 36 -20.97 -23.33 -29.38
CA ALA C 36 -21.11 -24.65 -29.98
C ALA C 36 -20.19 -25.67 -29.32
N MET C 37 -18.98 -25.26 -28.97
CA MET C 37 -18.05 -26.17 -28.31
C MET C 37 -18.55 -26.56 -26.92
N THR C 38 -19.10 -25.61 -26.18
CA THR C 38 -19.58 -25.89 -24.83
C THR C 38 -20.64 -26.98 -24.83
N MET C 39 -21.71 -26.78 -25.61
CA MET C 39 -22.79 -27.76 -25.67
C MET C 39 -22.27 -29.15 -26.02
N GLN C 40 -21.43 -29.25 -27.05
CA GLN C 40 -20.87 -30.54 -27.44
C GLN C 40 -20.12 -31.19 -26.29
N PHE C 41 -19.35 -30.39 -25.54
CA PHE C 41 -18.56 -30.93 -24.44
C PHE C 41 -19.46 -31.36 -23.28
N ILE C 42 -20.51 -30.60 -22.98
CA ILE C 42 -21.34 -30.86 -21.82
C ILE C 42 -22.59 -31.69 -22.13
N SER C 43 -23.03 -31.73 -23.40
CA SER C 43 -24.28 -32.43 -23.69
C SER C 43 -24.32 -33.11 -25.05
N HIS C 44 -23.21 -33.16 -25.80
CA HIS C 44 -23.11 -33.95 -27.03
C HIS C 44 -24.22 -33.63 -28.03
N ARG C 45 -24.52 -32.36 -28.19
CA ARG C 45 -25.55 -31.93 -29.13
C ARG C 45 -25.09 -30.64 -29.82
N PHE C 46 -25.67 -30.38 -31.01
CA PHE C 46 -25.33 -29.15 -31.72
C PHE C 46 -26.47 -28.15 -31.58
N PRO C 47 -26.17 -26.91 -31.19
CA PRO C 47 -27.25 -25.93 -30.96
C PRO C 47 -27.83 -25.42 -32.28
N GLU C 48 -29.16 -25.44 -32.38
CA GLU C 48 -29.88 -24.86 -33.51
C GLU C 48 -30.32 -23.45 -33.14
N ASP C 49 -29.76 -22.46 -33.83
CA ASP C 49 -30.09 -21.04 -33.64
C ASP C 49 -29.83 -20.61 -32.20
N HIS C 50 -28.55 -20.41 -31.86
CA HIS C 50 -28.15 -19.96 -30.54
C HIS C 50 -27.90 -18.46 -30.55
N ASP C 51 -28.47 -17.76 -29.57
CA ASP C 51 -28.28 -16.33 -29.44
C ASP C 51 -26.83 -16.01 -29.09
N PRO C 52 -26.07 -15.35 -29.97
CA PRO C 52 -24.65 -15.11 -29.69
C PRO C 52 -24.41 -14.18 -28.50
N THR C 53 -25.41 -13.37 -28.11
CA THR C 53 -25.26 -12.41 -27.03
C THR C 53 -25.47 -13.01 -25.65
N ILE C 54 -25.36 -14.33 -25.52
CA ILE C 54 -25.61 -15.03 -24.26
C ILE C 54 -24.27 -15.41 -23.64
N GLU C 55 -24.05 -14.94 -22.42
CA GLU C 55 -22.85 -15.28 -21.65
C GLU C 55 -23.29 -15.92 -20.34
N ASP C 56 -22.91 -17.17 -20.14
CA ASP C 56 -23.27 -17.90 -18.94
C ASP C 56 -22.23 -18.98 -18.68
N ALA C 57 -22.34 -19.61 -17.51
CA ALA C 57 -21.42 -20.67 -17.10
C ALA C 57 -22.14 -22.01 -17.14
N TYR C 58 -21.38 -23.05 -17.47
CA TYR C 58 -21.94 -24.40 -17.59
C TYR C 58 -21.02 -25.38 -16.89
N LYS C 59 -21.61 -26.39 -16.25
CA LYS C 59 -20.92 -27.28 -15.35
C LYS C 59 -20.95 -28.71 -15.87
N ILE C 60 -19.90 -29.47 -15.53
CA ILE C 60 -19.83 -30.89 -15.87
C ILE C 60 -18.74 -31.52 -15.02
N ARG C 61 -18.94 -32.77 -14.61
CA ARG C 61 -17.95 -33.52 -13.84
C ARG C 61 -17.48 -34.69 -14.71
N ILE C 62 -16.24 -34.62 -15.17
CA ILE C 62 -15.66 -35.61 -16.06
C ILE C 62 -14.39 -36.15 -15.42
N ARG C 63 -13.96 -37.32 -15.90
CA ARG C 63 -12.80 -38.03 -15.37
C ARG C 63 -11.65 -37.79 -16.33
N ILE C 64 -10.79 -36.82 -15.99
CA ILE C 64 -9.61 -36.50 -16.79
C ILE C 64 -8.44 -37.33 -16.28
N ASP C 65 -7.79 -38.05 -17.20
CA ASP C 65 -6.66 -38.92 -16.86
C ASP C 65 -7.04 -39.88 -15.75
N ASP C 66 -8.27 -40.41 -15.83
CA ASP C 66 -8.82 -41.31 -14.83
C ASP C 66 -8.91 -40.66 -13.46
N GLU C 67 -9.12 -39.33 -13.45
CA GLU C 67 -9.31 -38.58 -12.22
C GLU C 67 -10.53 -37.67 -12.40
N PRO C 68 -11.54 -37.78 -11.54
CA PRO C 68 -12.71 -36.91 -11.68
C PRO C 68 -12.36 -35.45 -11.43
N ALA C 69 -13.03 -34.57 -12.17
CA ALA C 69 -12.77 -33.14 -12.06
C ALA C 69 -14.05 -32.36 -12.36
N ASN C 70 -14.35 -31.37 -11.53
CA ASN C 70 -15.46 -30.45 -11.76
C ASN C 70 -14.98 -29.32 -12.65
N LEU C 71 -15.67 -29.13 -13.78
CA LEU C 71 -15.33 -28.09 -14.74
C LEU C 71 -16.39 -27.00 -14.69
N ASP C 72 -15.94 -25.74 -14.67
CA ASP C 72 -16.83 -24.59 -14.68
C ASP C 72 -16.38 -23.69 -15.83
N ILE C 73 -17.13 -23.71 -16.93
CA ILE C 73 -16.74 -23.06 -18.17
C ILE C 73 -17.69 -21.91 -18.45
N LEU C 74 -17.14 -20.72 -18.65
CA LEU C 74 -17.92 -19.52 -18.96
C LEU C 74 -17.88 -19.29 -20.47
N ASP C 75 -19.04 -19.35 -21.11
CA ASP C 75 -19.15 -19.05 -22.53
C ASP C 75 -19.28 -17.53 -22.67
N THR C 76 -18.17 -16.87 -23.00
CA THR C 76 -18.14 -15.43 -22.99
C THR C 76 -18.89 -14.84 -24.19
N ALA C 77 -19.45 -13.66 -23.98
CA ALA C 77 -20.12 -12.92 -25.04
C ALA C 77 -20.15 -11.45 -24.63
N GLY C 78 -20.25 -10.58 -25.63
CA GLY C 78 -20.23 -9.16 -25.37
C GLY C 78 -18.83 -8.62 -25.21
N GLN C 79 -18.63 -7.33 -25.51
CA GLN C 79 -17.31 -6.72 -25.45
C GLN C 79 -17.25 -5.48 -24.58
N ALA C 80 -18.37 -5.01 -24.04
CA ALA C 80 -18.38 -3.88 -23.12
C ALA C 80 -17.69 -4.29 -21.81
N GLU C 81 -17.74 -3.40 -20.82
CA GLU C 81 -17.12 -3.67 -19.53
C GLU C 81 -17.64 -4.98 -18.95
N PHE C 82 -16.72 -5.82 -18.49
CA PHE C 82 -17.07 -7.16 -18.05
C PHE C 82 -18.07 -7.12 -16.90
N THR C 83 -18.97 -8.09 -16.88
CA THR C 83 -19.89 -8.25 -15.77
C THR C 83 -19.13 -8.70 -14.52
N ALA C 84 -19.77 -8.51 -13.36
CA ALA C 84 -19.17 -8.94 -12.10
C ALA C 84 -18.82 -10.43 -12.14
N MET C 85 -19.68 -11.24 -12.74
CA MET C 85 -19.36 -12.65 -12.94
C MET C 85 -18.16 -12.80 -13.86
N ARG C 86 -18.18 -12.12 -15.00
CA ARG C 86 -17.06 -12.17 -15.94
C ARG C 86 -15.80 -11.61 -15.29
N ASP C 87 -15.92 -10.44 -14.64
CA ASP C 87 -14.77 -9.81 -13.98
C ASP C 87 -14.09 -10.78 -13.04
N GLN C 88 -14.87 -11.41 -12.15
CA GLN C 88 -14.30 -12.39 -11.24
C GLN C 88 -13.81 -13.63 -11.98
N TYR C 89 -14.46 -13.99 -13.08
CA TYR C 89 -14.01 -15.13 -13.88
C TYR C 89 -12.66 -14.86 -14.51
N MET C 90 -12.48 -13.68 -15.11
CA MET C 90 -11.19 -13.35 -15.72
C MET C 90 -10.09 -13.28 -14.69
N ARG C 91 -10.41 -12.92 -13.44
CA ARG C 91 -9.41 -12.79 -12.39
C ARG C 91 -9.16 -14.10 -11.65
N ALA C 92 -10.19 -14.92 -11.47
CA ALA C 92 -10.06 -16.17 -10.74
C ALA C 92 -10.09 -17.41 -11.63
N GLY C 93 -10.41 -17.26 -12.91
CA GLY C 93 -10.41 -18.42 -13.79
C GLY C 93 -9.04 -19.05 -13.87
N GLU C 94 -9.02 -20.38 -13.83
CA GLU C 94 -7.75 -21.10 -13.79
C GLU C 94 -7.17 -21.34 -15.17
N GLY C 95 -8.01 -21.47 -16.19
CA GLY C 95 -7.54 -21.73 -17.53
C GLY C 95 -8.38 -20.99 -18.55
N PHE C 96 -7.77 -20.74 -19.71
CA PHE C 96 -8.41 -19.98 -20.78
C PHE C 96 -8.36 -20.78 -22.07
N ILE C 97 -9.45 -20.73 -22.82
CA ILE C 97 -9.52 -21.34 -24.15
C ILE C 97 -9.77 -20.20 -25.13
N ILE C 98 -8.72 -19.82 -25.86
CA ILE C 98 -8.85 -18.79 -26.89
C ILE C 98 -9.14 -19.47 -28.21
N CYS C 99 -10.28 -19.14 -28.81
CA CYS C 99 -10.78 -19.82 -30.00
C CYS C 99 -10.86 -18.87 -31.17
N TYR C 100 -10.54 -19.38 -32.36
CA TYR C 100 -10.75 -18.65 -33.60
C TYR C 100 -11.37 -19.60 -34.61
N SER C 101 -11.89 -19.04 -35.69
CA SER C 101 -12.47 -19.82 -36.78
C SER C 101 -11.47 -19.89 -37.93
N ILE C 102 -11.23 -21.10 -38.44
CA ILE C 102 -10.34 -21.27 -39.57
C ILE C 102 -10.90 -20.66 -40.85
N THR C 103 -12.17 -20.26 -40.83
CA THR C 103 -12.79 -19.57 -41.95
C THR C 103 -12.86 -18.07 -41.75
N ASP C 104 -12.19 -17.54 -40.73
CA ASP C 104 -12.29 -16.12 -40.37
C ASP C 104 -10.91 -15.66 -39.93
N ARG C 105 -10.16 -15.05 -40.85
CA ARG C 105 -8.83 -14.56 -40.52
C ARG C 105 -8.88 -13.42 -39.52
N ARG C 106 -9.98 -12.65 -39.51
CA ARG C 106 -10.10 -11.56 -38.54
C ARG C 106 -10.06 -12.10 -37.11
N SER C 107 -10.75 -13.21 -36.87
CA SER C 107 -10.75 -13.81 -35.54
C SER C 107 -9.38 -14.37 -35.17
N PHE C 108 -8.65 -14.89 -36.16
CA PHE C 108 -7.31 -15.40 -35.90
C PHE C 108 -6.35 -14.30 -35.47
N HIS C 109 -6.62 -13.05 -35.86
CA HIS C 109 -5.75 -11.94 -35.45
C HIS C 109 -6.07 -11.48 -34.04
N GLU C 110 -7.35 -11.51 -33.66
CA GLU C 110 -7.74 -11.12 -32.30
C GLU C 110 -7.21 -12.07 -31.24
N VAL C 111 -6.77 -13.27 -31.63
CA VAL C 111 -6.17 -14.21 -30.68
C VAL C 111 -5.10 -13.54 -29.85
N ARG C 112 -4.24 -12.74 -30.49
CA ARG C 112 -3.20 -12.04 -29.76
C ARG C 112 -3.80 -11.03 -28.77
N GLU C 113 -4.87 -10.35 -29.18
CA GLU C 113 -5.53 -9.39 -28.30
C GLU C 113 -6.15 -10.08 -27.09
N PHE C 114 -6.64 -11.31 -27.24
CA PHE C 114 -7.14 -12.04 -26.09
C PHE C 114 -6.00 -12.43 -25.15
N LYS C 115 -4.87 -12.85 -25.71
CA LYS C 115 -3.69 -13.10 -24.89
C LYS C 115 -3.22 -11.81 -24.21
N GLN C 116 -3.36 -10.68 -24.92
CA GLN C 116 -3.13 -9.38 -24.31
C GLN C 116 -4.08 -9.14 -23.16
N LEU C 117 -5.36 -9.43 -23.35
CA LEU C 117 -6.35 -9.20 -22.30
C LEU C 117 -6.07 -10.03 -21.05
N ILE C 118 -5.60 -11.27 -21.24
CA ILE C 118 -5.28 -12.12 -20.10
C ILE C 118 -4.15 -11.52 -19.28
N TYR C 119 -3.16 -10.96 -19.94
CA TYR C 119 -2.03 -10.35 -19.23
C TYR C 119 -2.47 -9.11 -18.45
N ARG C 120 -3.32 -8.28 -19.05
CA ARG C 120 -3.77 -7.05 -18.39
C ARG C 120 -4.44 -7.36 -17.06
N VAL C 121 -5.21 -8.45 -16.99
CA VAL C 121 -5.91 -8.80 -15.77
C VAL C 121 -4.99 -9.57 -14.81
N ARG C 122 -4.40 -10.66 -15.30
CA ARG C 122 -3.64 -11.55 -14.44
C ARG C 122 -2.23 -11.05 -14.13
N ARG C 123 -1.72 -10.07 -14.88
CA ARG C 123 -0.35 -9.57 -14.72
C ARG C 123 0.68 -10.69 -14.91
N THR C 124 0.33 -11.69 -15.71
CA THR C 124 1.22 -12.80 -16.01
C THR C 124 0.74 -13.46 -17.29
N ASP C 125 1.69 -14.06 -18.02
CA ASP C 125 1.37 -14.82 -19.22
C ASP C 125 1.52 -16.31 -19.00
N ASP C 126 1.80 -16.74 -17.76
CA ASP C 126 1.89 -18.14 -17.41
C ASP C 126 0.51 -18.76 -17.19
N THR C 127 -0.54 -17.96 -17.31
CA THR C 127 -1.91 -18.46 -17.16
C THR C 127 -2.16 -19.55 -18.19
N PRO C 128 -2.60 -20.74 -17.78
CA PRO C 128 -2.80 -21.83 -18.74
C PRO C 128 -3.75 -21.43 -19.85
N VAL C 129 -3.35 -21.77 -21.08
CA VAL C 129 -4.06 -21.36 -22.29
C VAL C 129 -4.03 -22.52 -23.28
N VAL C 130 -5.13 -22.71 -24.00
CA VAL C 130 -5.19 -23.64 -25.12
C VAL C 130 -5.74 -22.90 -26.33
N LEU C 131 -5.06 -23.02 -27.46
CA LEU C 131 -5.47 -22.35 -28.69
C LEU C 131 -6.24 -23.33 -29.56
N VAL C 132 -7.38 -22.90 -30.08
CA VAL C 132 -8.29 -23.77 -30.80
C VAL C 132 -8.74 -23.08 -32.08
N GLY C 133 -8.58 -23.76 -33.22
CA GLY C 133 -9.15 -23.32 -34.48
C GLY C 133 -10.39 -24.10 -34.85
N ASN C 134 -11.55 -23.43 -34.83
CA ASN C 134 -12.82 -24.12 -35.00
C ASN C 134 -13.21 -24.21 -36.47
N LYS C 135 -14.28 -24.97 -36.72
CA LYS C 135 -14.87 -25.12 -38.05
C LYS C 135 -13.90 -25.80 -39.02
N SER C 136 -13.16 -26.78 -38.52
CA SER C 136 -12.22 -27.52 -39.37
C SER C 136 -12.93 -28.27 -40.49
N ASP C 137 -14.22 -28.56 -40.33
CA ASP C 137 -14.98 -29.18 -41.40
C ASP C 137 -15.18 -28.23 -42.57
N LEU C 138 -15.15 -26.93 -42.32
CA LEU C 138 -15.30 -25.92 -43.37
C LEU C 138 -13.97 -25.72 -44.10
N LYS C 139 -13.51 -26.80 -44.73
CA LYS C 139 -12.28 -26.74 -45.51
C LYS C 139 -12.43 -25.86 -46.75
N GLN C 140 -13.66 -25.73 -47.24
CA GLN C 140 -13.91 -24.88 -48.42
C GLN C 140 -13.57 -23.43 -48.13
N LEU C 141 -13.77 -22.98 -46.89
CA LEU C 141 -13.56 -21.59 -46.52
C LEU C 141 -12.33 -21.41 -45.62
N ARG C 142 -11.39 -22.35 -45.66
CA ARG C 142 -10.20 -22.28 -44.81
C ARG C 142 -9.37 -21.05 -45.16
N GLN C 143 -9.27 -20.11 -44.21
CA GLN C 143 -8.44 -18.93 -44.37
C GLN C 143 -7.19 -18.97 -43.51
N VAL C 144 -7.12 -19.86 -42.53
CA VAL C 144 -5.97 -20.00 -41.65
C VAL C 144 -5.49 -21.45 -41.74
N THR C 145 -4.25 -21.62 -42.18
CA THR C 145 -3.67 -22.95 -42.24
C THR C 145 -3.37 -23.47 -40.83
N LYS C 146 -3.30 -24.80 -40.71
CA LYS C 146 -2.96 -25.40 -39.42
C LYS C 146 -1.60 -24.93 -38.95
N GLU C 147 -0.64 -24.78 -39.87
CA GLU C 147 0.68 -24.30 -39.50
C GLU C 147 0.62 -22.90 -38.90
N GLU C 148 -0.25 -22.04 -39.44
CA GLU C 148 -0.39 -20.70 -38.87
C GLU C 148 -0.87 -20.78 -37.42
N GLY C 149 -1.94 -21.55 -37.18
CA GLY C 149 -2.36 -21.78 -35.81
C GLY C 149 -1.31 -22.48 -34.99
N LEU C 150 -0.62 -23.46 -35.59
CA LEU C 150 0.48 -24.14 -34.90
C LEU C 150 1.60 -23.15 -34.56
N ALA C 151 1.91 -22.24 -35.48
CA ALA C 151 2.96 -21.25 -35.23
C ALA C 151 2.61 -20.36 -34.04
N LEU C 152 1.34 -19.93 -33.95
CA LEU C 152 0.92 -19.12 -32.81
C LEU C 152 1.03 -19.89 -31.51
N ALA C 153 0.86 -21.21 -31.55
CA ALA C 153 0.96 -22.02 -30.34
C ALA C 153 2.40 -22.09 -29.85
N ARG C 154 3.35 -22.19 -30.77
CA ARG C 154 4.77 -22.16 -30.39
C ARG C 154 5.11 -20.82 -29.75
N GLU C 155 4.53 -19.74 -30.26
CA GLU C 155 4.72 -18.42 -29.66
C GLU C 155 4.10 -18.35 -28.27
N PHE C 156 2.94 -18.96 -28.08
CA PHE C 156 2.27 -18.96 -26.78
C PHE C 156 2.74 -20.06 -25.85
N SER C 157 3.52 -21.02 -26.36
CA SER C 157 3.96 -22.18 -25.59
C SER C 157 2.77 -22.92 -25.00
N CYS C 158 1.74 -23.10 -25.82
CA CYS C 158 0.49 -23.71 -25.42
C CYS C 158 0.05 -24.74 -26.45
N PRO C 159 -0.69 -25.77 -26.04
CA PRO C 159 -1.20 -26.75 -27.00
C PRO C 159 -2.17 -26.12 -27.99
N PHE C 160 -2.26 -26.72 -29.17
CA PHE C 160 -3.11 -26.22 -30.25
C PHE C 160 -3.88 -27.39 -30.86
N PHE C 161 -5.18 -27.18 -31.07
CA PHE C 161 -6.06 -28.16 -31.69
C PHE C 161 -6.92 -27.49 -32.74
N GLU C 162 -7.10 -28.16 -33.87
CA GLU C 162 -8.12 -27.78 -34.85
C GLU C 162 -9.33 -28.68 -34.67
N THR C 163 -10.47 -28.08 -34.30
CA THR C 163 -11.66 -28.82 -33.93
C THR C 163 -12.82 -28.45 -34.82
N SER C 164 -13.86 -29.28 -34.77
CA SER C 164 -15.11 -29.04 -35.50
C SER C 164 -16.26 -29.40 -34.55
N ALA C 165 -16.89 -28.38 -33.97
CA ALA C 165 -18.05 -28.61 -33.11
C ALA C 165 -19.20 -29.24 -33.86
N ALA C 166 -19.27 -29.05 -35.19
CA ALA C 166 -20.34 -29.65 -35.97
C ALA C 166 -20.27 -31.17 -35.95
N TYR C 167 -19.07 -31.74 -36.05
CA TYR C 167 -18.88 -33.17 -36.11
C TYR C 167 -18.15 -33.72 -34.89
N ARG C 168 -17.94 -32.88 -33.87
CA ARG C 168 -17.36 -33.28 -32.59
C ARG C 168 -15.98 -33.95 -32.77
N TYR C 169 -15.12 -33.30 -33.54
CA TYR C 169 -13.73 -33.72 -33.69
C TYR C 169 -12.85 -32.93 -32.74
N TYR C 170 -12.23 -33.62 -31.78
CA TYR C 170 -11.25 -33.06 -30.84
C TYR C 170 -11.86 -32.07 -29.86
N ILE C 171 -13.18 -32.09 -29.65
CA ILE C 171 -13.78 -31.20 -28.66
C ILE C 171 -13.32 -31.58 -27.26
N ASP C 172 -13.41 -32.87 -26.92
CA ASP C 172 -12.98 -33.32 -25.60
C ASP C 172 -11.49 -33.10 -25.40
N ASP C 173 -10.69 -33.26 -26.46
CA ASP C 173 -9.24 -33.14 -26.33
C ASP C 173 -8.83 -31.73 -25.90
N VAL C 174 -9.60 -30.72 -26.29
CA VAL C 174 -9.28 -29.34 -25.91
C VAL C 174 -9.34 -29.19 -24.39
N PHE C 175 -10.49 -29.52 -23.80
CA PHE C 175 -10.67 -29.32 -22.37
C PHE C 175 -9.84 -30.31 -21.56
N HIS C 176 -9.68 -31.53 -22.06
CA HIS C 176 -8.77 -32.49 -21.42
C HIS C 176 -7.37 -31.90 -21.30
N ALA C 177 -6.87 -31.28 -22.38
CA ALA C 177 -5.52 -30.73 -22.36
C ALA C 177 -5.38 -29.62 -21.33
N LEU C 178 -6.37 -28.72 -21.26
CA LEU C 178 -6.28 -27.60 -20.33
C LEU C 178 -6.18 -28.08 -18.89
N VAL C 179 -6.99 -29.07 -18.51
CA VAL C 179 -6.93 -29.60 -17.15
C VAL C 179 -5.55 -30.19 -16.86
N ARG C 180 -4.97 -30.88 -17.85
CA ARG C 180 -3.61 -31.37 -17.70
C ARG C 180 -2.63 -30.23 -17.47
N GLU C 181 -2.80 -29.13 -18.21
CA GLU C 181 -1.94 -27.96 -18.01
C GLU C 181 -2.10 -27.40 -16.60
N ILE C 182 -3.32 -27.38 -16.09
CA ILE C 182 -3.56 -26.87 -14.74
C ILE C 182 -2.86 -27.74 -13.71
N ARG C 183 -3.07 -29.05 -13.76
CA ARG C 183 -2.52 -29.95 -12.76
C ARG C 183 -1.00 -29.95 -12.79
N ARG C 184 -0.41 -30.04 -13.98
CA ARG C 184 1.06 -30.10 -14.07
C ARG C 184 1.70 -28.83 -13.52
N LYS C 185 1.06 -27.67 -13.73
CA LYS C 185 1.57 -26.44 -13.14
C LYS C 185 1.43 -26.45 -11.63
N GLU C 186 0.38 -27.09 -11.11
CA GLU C 186 0.24 -27.22 -9.67
C GLU C 186 1.34 -28.11 -9.08
N LYS C 187 1.64 -29.22 -9.77
CA LYS C 187 2.66 -30.13 -9.25
C LYS C 187 4.05 -29.53 -9.37
N GLU C 188 4.28 -28.66 -10.36
CA GLU C 188 5.55 -27.95 -10.43
C GLU C 188 5.64 -26.88 -9.35
N ALA C 189 4.49 -26.35 -8.92
CA ALA C 189 4.49 -25.35 -7.85
C ALA C 189 4.84 -25.96 -6.49
N VAL C 190 4.29 -27.14 -6.19
CA VAL C 190 4.55 -27.76 -4.88
C VAL C 190 6.03 -28.07 -4.71
N LEU C 191 6.71 -28.44 -5.81
CA LEU C 191 8.13 -28.74 -5.75
C LEU C 191 8.92 -27.53 -5.25
N ALA C 192 8.56 -26.32 -5.71
CA ALA C 192 9.26 -25.11 -5.27
C ALA C 192 9.05 -24.88 -3.77
N MET C 193 7.80 -24.93 -3.32
CA MET C 193 7.47 -24.70 -1.92
C MET C 193 7.67 -25.98 -1.10
N GLY D 1 -34.64 23.61 -14.75
CA GLY D 1 -35.30 24.71 -15.43
C GLY D 1 -36.31 24.26 -16.47
N THR D 2 -35.84 24.02 -17.69
CA THR D 2 -36.72 23.59 -18.76
C THR D 2 -37.11 22.13 -18.54
N VAL D 3 -38.36 21.80 -18.88
CA VAL D 3 -38.83 20.42 -18.75
C VAL D 3 -38.09 19.53 -19.74
N HIS D 4 -37.73 18.33 -19.29
CA HIS D 4 -37.02 17.34 -20.10
C HIS D 4 -35.74 17.92 -20.68
N ARG D 5 -34.98 18.60 -19.81
CA ARG D 5 -33.76 19.29 -20.21
C ARG D 5 -32.55 18.56 -19.66
N TRP D 6 -31.71 18.03 -20.56
CA TRP D 6 -30.45 17.43 -20.15
C TRP D 6 -29.42 18.53 -19.95
N ARG D 7 -28.85 18.60 -18.75
CA ARG D 7 -27.87 19.61 -18.40
C ARG D 7 -26.57 18.94 -18.00
N ARG D 8 -25.51 19.23 -18.75
CA ARG D 8 -24.17 18.77 -18.41
C ARG D 8 -23.59 19.70 -17.35
N LEU D 9 -23.47 19.21 -16.12
CA LEU D 9 -22.93 19.97 -15.01
C LEU D 9 -21.41 19.78 -14.95
N PRO D 10 -20.70 20.67 -14.25
CA PRO D 10 -19.24 20.54 -14.18
C PRO D 10 -18.81 19.18 -13.66
N PRO D 11 -17.97 18.47 -14.40
CA PRO D 11 -17.51 17.15 -13.95
C PRO D 11 -16.53 17.27 -12.78
N CYS D 12 -16.28 16.12 -12.15
CA CYS D 12 -15.35 16.08 -11.04
C CYS D 12 -13.93 16.29 -11.53
N ASP D 13 -13.25 17.27 -10.96
CA ASP D 13 -11.86 17.55 -11.32
C ASP D 13 -10.96 16.38 -10.91
N GLU D 14 -9.85 16.24 -11.61
CA GLU D 14 -8.89 15.19 -11.30
C GLU D 14 -8.34 15.35 -9.89
N PHE D 15 -8.13 16.59 -9.45
CA PHE D 15 -7.56 16.84 -8.14
C PHE D 15 -8.54 16.63 -7.00
N VAL D 16 -9.81 16.40 -7.28
CA VAL D 16 -10.80 16.07 -6.27
C VAL D 16 -11.03 14.56 -6.19
N GLY D 17 -11.28 13.93 -7.32
CA GLY D 17 -11.47 12.50 -7.37
C GLY D 17 -11.37 12.00 -8.81
N ALA D 18 -10.90 10.77 -8.96
CA ALA D 18 -10.72 10.21 -10.29
C ALA D 18 -12.04 9.77 -10.88
N ARG D 19 -12.25 10.07 -12.15
CA ARG D 19 -13.39 9.53 -12.90
C ARG D 19 -13.37 8.01 -12.85
N ARG D 20 -14.52 7.43 -12.50
CA ARG D 20 -14.60 6.02 -12.17
C ARG D 20 -15.89 5.42 -12.68
N SER D 21 -15.96 4.09 -12.60
CA SER D 21 -17.17 3.32 -12.87
C SER D 21 -17.37 2.34 -11.72
N LYS D 22 -18.50 1.62 -11.75
CA LYS D 22 -18.85 0.63 -10.74
C LYS D 22 -18.91 1.25 -9.35
N HIS D 23 -19.33 2.50 -9.25
CA HIS D 23 -19.39 3.22 -7.99
C HIS D 23 -20.82 3.23 -7.45
N THR D 24 -21.07 4.10 -6.47
CA THR D 24 -22.40 4.31 -5.92
C THR D 24 -22.60 5.80 -5.70
N VAL D 25 -23.79 6.30 -6.05
CA VAL D 25 -24.18 7.67 -5.78
C VAL D 25 -25.46 7.65 -4.96
N VAL D 26 -25.55 8.57 -3.99
CA VAL D 26 -26.68 8.65 -3.08
C VAL D 26 -26.94 10.12 -2.77
N ALA D 27 -28.21 10.49 -2.72
CA ALA D 27 -28.60 11.87 -2.47
C ALA D 27 -28.84 12.10 -0.98
N TYR D 28 -28.38 13.26 -0.50
CA TYR D 28 -28.59 13.67 0.88
C TYR D 28 -28.71 15.19 0.88
N LYS D 29 -29.73 15.71 1.55
CA LYS D 29 -30.06 17.14 1.47
C LYS D 29 -30.18 17.55 0.01
N ASP D 30 -29.25 18.37 -0.46
CA ASP D 30 -29.15 18.73 -1.88
C ASP D 30 -27.70 18.56 -2.34
N ALA D 31 -27.18 17.35 -2.17
CA ALA D 31 -25.81 17.02 -2.54
C ALA D 31 -25.71 15.55 -2.89
N ILE D 32 -24.95 15.25 -3.93
CA ILE D 32 -24.70 13.87 -4.35
C ILE D 32 -23.41 13.39 -3.70
N TYR D 33 -23.44 12.18 -3.16
CA TYR D 33 -22.29 11.59 -2.48
C TYR D 33 -21.86 10.33 -3.22
N VAL D 34 -20.58 10.30 -3.61
CA VAL D 34 -20.02 9.20 -4.39
C VAL D 34 -18.99 8.46 -3.55
N PHE D 35 -19.10 7.13 -3.51
CA PHE D 35 -18.16 6.29 -2.78
C PHE D 35 -17.74 5.11 -3.64
N GLY D 36 -16.46 4.75 -3.55
CA GLY D 36 -15.94 3.55 -4.18
C GLY D 36 -15.92 3.63 -5.70
N GLY D 37 -15.56 2.52 -6.31
CA GLY D 37 -15.53 2.38 -7.76
C GLY D 37 -14.17 1.96 -8.27
N ASP D 38 -13.99 2.08 -9.59
CA ASP D 38 -12.77 1.66 -10.27
C ASP D 38 -12.36 2.72 -11.26
N ASN D 39 -11.14 3.23 -11.13
CA ASN D 39 -10.61 4.24 -12.03
C ASN D 39 -9.86 3.66 -13.22
N GLY D 40 -9.72 2.34 -13.29
CA GLY D 40 -8.94 1.68 -14.31
C GLY D 40 -7.62 1.11 -13.84
N LYS D 41 -7.10 1.60 -12.71
CA LYS D 41 -5.84 1.12 -12.16
C LYS D 41 -6.00 0.46 -10.80
N THR D 42 -6.87 0.98 -9.95
CA THR D 42 -7.09 0.40 -8.63
C THR D 42 -8.51 0.70 -8.20
N MET D 43 -8.97 -0.03 -7.17
CA MET D 43 -10.25 0.27 -6.57
C MET D 43 -10.10 1.42 -5.58
N LEU D 44 -11.22 2.09 -5.32
CA LEU D 44 -11.23 3.36 -4.60
C LEU D 44 -12.12 3.27 -3.37
N ASN D 45 -11.77 4.05 -2.36
CA ASN D 45 -12.54 4.10 -1.12
C ASN D 45 -12.68 5.53 -0.60
N ASP D 46 -12.61 6.52 -1.49
CA ASP D 46 -12.77 7.90 -1.13
C ASP D 46 -14.25 8.29 -1.15
N LEU D 47 -14.54 9.52 -0.72
CA LEU D 47 -15.89 10.04 -0.65
C LEU D 47 -15.93 11.43 -1.27
N LEU D 48 -16.82 11.62 -2.25
CA LEU D 48 -16.96 12.88 -2.95
C LEU D 48 -18.32 13.49 -2.67
N ARG D 49 -18.37 14.82 -2.67
CA ARG D 49 -19.62 15.55 -2.44
C ARG D 49 -19.79 16.61 -3.52
N PHE D 50 -20.93 16.58 -4.20
CA PHE D 50 -21.25 17.54 -5.25
C PHE D 50 -22.48 18.33 -4.81
N ASP D 51 -22.26 19.54 -4.30
CA ASP D 51 -23.36 20.39 -3.90
C ASP D 51 -24.21 20.77 -5.11
N VAL D 52 -25.48 20.35 -5.08
CA VAL D 52 -26.35 20.56 -6.23
C VAL D 52 -26.63 22.04 -6.45
N LYS D 53 -26.90 22.77 -5.38
CA LYS D 53 -27.20 24.20 -5.52
C LYS D 53 -25.94 24.98 -5.92
N ASP D 54 -24.79 24.57 -5.40
CA ASP D 54 -23.53 25.23 -5.72
C ASP D 54 -22.94 24.73 -7.02
N CYS D 55 -23.35 23.56 -7.50
CA CYS D 55 -22.78 22.94 -8.70
C CYS D 55 -21.26 22.85 -8.59
N SER D 56 -20.80 22.43 -7.41
CA SER D 56 -19.37 22.35 -7.11
C SER D 56 -19.05 21.00 -6.51
N TRP D 57 -17.88 20.47 -6.88
CA TRP D 57 -17.38 19.22 -6.33
C TRP D 57 -16.56 19.50 -5.07
N CYS D 58 -16.26 18.45 -4.32
CA CYS D 58 -15.56 18.58 -3.06
C CYS D 58 -15.17 17.22 -2.53
N ARG D 59 -13.95 17.13 -1.98
CA ARG D 59 -13.53 15.93 -1.28
C ARG D 59 -14.15 15.92 0.11
N ALA D 60 -14.94 14.88 0.39
CA ALA D 60 -15.70 14.84 1.63
C ALA D 60 -14.80 14.55 2.83
N PHE D 61 -15.21 15.09 3.98
CA PHE D 61 -14.48 14.89 5.24
C PHE D 61 -14.91 13.58 5.88
N THR D 62 -13.96 12.67 6.08
CA THR D 62 -14.22 11.36 6.66
C THR D 62 -13.25 11.13 7.80
N THR D 63 -13.78 10.79 8.97
CA THR D 63 -12.96 10.34 10.09
C THR D 63 -13.28 8.88 10.38
N GLY D 64 -12.33 8.21 11.02
CA GLY D 64 -12.43 6.78 11.22
C GLY D 64 -11.98 6.00 10.00
N THR D 65 -11.88 4.69 10.17
CA THR D 65 -11.42 3.83 9.09
C THR D 65 -12.55 3.63 8.07
N PRO D 66 -12.39 4.09 6.83
CA PRO D 66 -13.42 3.86 5.81
C PRO D 66 -13.39 2.41 5.36
N PRO D 67 -14.40 1.98 4.59
CA PRO D 67 -14.36 0.61 4.04
C PRO D 67 -13.18 0.44 3.09
N ALA D 68 -12.70 -0.80 3.00
CA ALA D 68 -11.66 -1.13 2.04
C ALA D 68 -12.11 -0.76 0.62
N PRO D 69 -11.19 -0.37 -0.25
CA PRO D 69 -11.56 0.01 -1.62
C PRO D 69 -12.33 -1.11 -2.31
N ARG D 70 -13.43 -0.74 -2.96
CA ARG D 70 -14.35 -1.73 -3.50
C ARG D 70 -15.14 -1.13 -4.64
N TYR D 71 -15.70 -2.02 -5.47
CA TYR D 71 -16.67 -1.64 -6.49
C TYR D 71 -17.78 -2.68 -6.52
N HIS D 72 -18.80 -2.41 -7.33
CA HIS D 72 -20.01 -3.23 -7.41
C HIS D 72 -20.68 -3.40 -6.05
N HIS D 73 -20.38 -2.51 -5.11
CA HIS D 73 -21.01 -2.51 -3.80
C HIS D 73 -22.33 -1.75 -3.86
N SER D 74 -23.04 -1.73 -2.74
CA SER D 74 -24.28 -0.99 -2.61
C SER D 74 -24.12 0.13 -1.59
N ALA D 75 -24.96 1.15 -1.74
CA ALA D 75 -24.99 2.28 -0.81
C ALA D 75 -26.40 2.82 -0.74
N VAL D 76 -26.93 2.93 0.48
CA VAL D 76 -28.27 3.47 0.71
C VAL D 76 -28.19 4.49 1.83
N VAL D 77 -29.22 5.33 1.90
CA VAL D 77 -29.32 6.38 2.91
C VAL D 77 -30.49 6.06 3.84
N TYR D 78 -30.22 6.08 5.15
CA TYR D 78 -31.24 5.88 6.17
C TYR D 78 -31.08 6.98 7.23
N GLY D 79 -32.07 7.86 7.30
CA GLY D 79 -31.96 8.99 8.21
C GLY D 79 -30.79 9.87 7.82
N SER D 80 -29.86 10.08 8.75
CA SER D 80 -28.68 10.89 8.48
C SER D 80 -27.44 10.02 8.38
N SER D 81 -27.51 8.93 7.62
CA SER D 81 -26.39 8.01 7.51
C SER D 81 -26.46 7.28 6.17
N MET D 82 -25.28 6.98 5.62
CA MET D 82 -25.15 6.16 4.44
C MET D 82 -24.62 4.79 4.84
N PHE D 83 -25.23 3.74 4.30
CA PHE D 83 -24.89 2.37 4.66
C PHE D 83 -24.36 1.65 3.42
N VAL D 84 -23.10 1.24 3.48
CA VAL D 84 -22.44 0.53 2.38
C VAL D 84 -22.34 -0.94 2.73
N PHE D 85 -22.70 -1.80 1.77
CA PHE D 85 -22.65 -3.24 1.97
C PHE D 85 -22.05 -3.89 0.74
N GLY D 86 -21.30 -4.97 0.97
CA GLY D 86 -20.81 -5.81 -0.11
C GLY D 86 -19.75 -5.15 -0.97
N GLY D 87 -19.54 -5.74 -2.14
CA GLY D 87 -18.58 -5.27 -3.12
C GLY D 87 -17.41 -6.23 -3.26
N TYR D 88 -16.55 -5.89 -4.21
CA TYR D 88 -15.34 -6.67 -4.49
C TYR D 88 -14.14 -5.93 -3.91
N THR D 89 -13.27 -6.66 -3.22
CA THR D 89 -12.06 -6.07 -2.64
C THR D 89 -10.84 -6.88 -3.06
N GLY D 90 -9.70 -6.20 -3.10
CA GLY D 90 -8.46 -6.83 -3.51
C GLY D 90 -7.45 -5.79 -3.97
N ASP D 91 -6.50 -6.24 -4.78
CA ASP D 91 -5.45 -5.40 -5.33
C ASP D 91 -5.44 -5.61 -6.85
N ILE D 92 -5.98 -4.66 -7.59
CA ILE D 92 -6.08 -4.80 -9.05
C ILE D 92 -4.69 -4.85 -9.68
N TYR D 93 -3.79 -3.95 -9.26
CA TYR D 93 -2.48 -3.84 -9.90
C TYR D 93 -1.73 -5.16 -9.90
N SER D 94 -1.92 -5.99 -8.88
CA SER D 94 -1.26 -7.29 -8.79
C SER D 94 -2.24 -8.45 -8.86
N ASN D 95 -3.53 -8.16 -9.05
CA ASN D 95 -4.58 -9.19 -9.11
C ASN D 95 -4.48 -10.14 -7.91
N SER D 96 -4.48 -9.55 -6.72
CA SER D 96 -4.26 -10.29 -5.49
C SER D 96 -5.24 -9.84 -4.43
N ASN D 97 -5.38 -10.66 -3.39
CA ASN D 97 -6.28 -10.41 -2.27
C ASN D 97 -7.72 -10.20 -2.72
N LEU D 98 -8.08 -10.75 -3.87
CA LEU D 98 -9.40 -10.52 -4.45
C LEU D 98 -10.44 -11.34 -3.72
N LYS D 99 -11.48 -10.68 -3.21
CA LYS D 99 -12.52 -11.37 -2.46
C LYS D 99 -13.74 -10.48 -2.34
N ASN D 100 -14.91 -11.10 -2.35
CA ASN D 100 -16.16 -10.39 -2.08
C ASN D 100 -16.28 -10.13 -0.58
N LYS D 101 -17.27 -9.30 -0.22
CA LYS D 101 -17.44 -8.89 1.17
C LYS D 101 -18.93 -8.92 1.53
N ASN D 102 -19.19 -9.14 2.81
CA ASN D 102 -20.54 -9.03 3.37
C ASN D 102 -20.53 -8.14 4.61
N ASP D 103 -19.59 -7.22 4.69
CA ASP D 103 -19.50 -6.30 5.81
C ASP D 103 -20.50 -5.15 5.64
N LEU D 104 -20.69 -4.39 6.71
CA LEU D 104 -21.66 -3.30 6.72
C LEU D 104 -21.06 -2.10 7.44
N PHE D 105 -20.87 -1.01 6.69
CA PHE D 105 -20.28 0.21 7.22
C PHE D 105 -21.31 1.34 7.16
N GLU D 106 -21.30 2.17 8.19
CA GLU D 106 -22.20 3.32 8.30
C GLU D 106 -21.37 4.59 8.27
N TYR D 107 -21.83 5.57 7.48
CA TYR D 107 -21.19 6.88 7.41
C TYR D 107 -22.18 7.91 7.95
N LYS D 108 -21.89 8.45 9.14
CA LYS D 108 -22.72 9.48 9.73
C LYS D 108 -22.37 10.81 9.07
N PHE D 109 -23.26 11.29 8.19
CA PHE D 109 -23.02 12.53 7.47
C PHE D 109 -22.72 13.69 8.40
N ALA D 110 -23.45 13.79 9.52
CA ALA D 110 -23.28 14.90 10.45
C ALA D 110 -21.82 15.05 10.88
N THR D 111 -21.22 13.96 11.36
CA THR D 111 -19.86 14.00 11.87
C THR D 111 -18.83 13.43 10.91
N GLY D 112 -19.26 12.78 9.83
CA GLY D 112 -18.32 12.19 8.90
C GLY D 112 -17.56 11.01 9.44
N GLN D 113 -18.20 10.29 10.36
CA GLN D 113 -17.54 9.16 11.05
C GLN D 113 -17.84 7.83 10.37
N TRP D 114 -16.80 7.08 10.04
CA TRP D 114 -16.98 5.75 9.47
C TRP D 114 -17.01 4.72 10.59
N THR D 115 -18.15 4.04 10.75
CA THR D 115 -18.35 3.05 11.81
C THR D 115 -18.71 1.70 11.19
N GLU D 116 -18.05 0.65 11.66
CA GLU D 116 -18.38 -0.72 11.26
C GLU D 116 -19.47 -1.28 12.17
N TRP D 117 -20.53 -1.80 11.55
CA TRP D 117 -21.57 -2.52 12.28
C TRP D 117 -21.22 -4.00 12.28
N LYS D 118 -20.52 -4.44 13.34
CA LYS D 118 -20.12 -5.83 13.49
C LYS D 118 -21.34 -6.65 13.90
N ILE D 119 -21.98 -7.29 12.93
CA ILE D 119 -23.24 -7.99 13.17
C ILE D 119 -22.94 -9.39 13.68
N GLU D 120 -23.65 -9.79 14.74
CA GLU D 120 -23.49 -11.11 15.32
C GLU D 120 -24.36 -12.13 14.57
N GLY D 121 -24.03 -13.40 14.75
CA GLY D 121 -24.79 -14.46 14.12
C GLY D 121 -24.35 -14.74 12.69
N ARG D 122 -25.15 -15.56 12.02
CA ARG D 122 -24.87 -15.91 10.64
C ARG D 122 -25.10 -14.71 9.72
N LEU D 123 -24.23 -14.55 8.74
CA LEU D 123 -24.28 -13.45 7.80
C LEU D 123 -24.71 -13.93 6.43
N PRO D 124 -25.22 -13.05 5.58
CA PRO D 124 -25.44 -13.42 4.18
C PRO D 124 -24.12 -13.64 3.47
N VAL D 125 -24.16 -14.46 2.42
CA VAL D 125 -22.95 -14.79 1.68
C VAL D 125 -22.35 -13.53 1.08
N ALA D 126 -21.02 -13.42 1.17
CA ALA D 126 -20.33 -12.29 0.57
C ALA D 126 -20.61 -12.23 -0.93
N ARG D 127 -20.91 -11.04 -1.44
CA ARG D 127 -21.42 -10.90 -2.78
C ARG D 127 -21.09 -9.51 -3.32
N SER D 128 -21.28 -9.35 -4.62
CA SER D 128 -21.10 -8.08 -5.30
C SER D 128 -22.19 -7.92 -6.35
N ALA D 129 -22.32 -6.70 -6.87
CA ALA D 129 -23.29 -6.38 -7.92
C ALA D 129 -24.72 -6.67 -7.49
N HIS D 130 -24.98 -6.60 -6.19
CA HIS D 130 -26.31 -6.85 -5.64
C HIS D 130 -27.16 -5.58 -5.68
N GLY D 131 -28.46 -5.76 -5.47
CA GLY D 131 -29.39 -4.67 -5.31
C GLY D 131 -29.64 -4.37 -3.84
N ALA D 132 -29.89 -3.09 -3.54
CA ALA D 132 -30.14 -2.68 -2.17
C ALA D 132 -31.17 -1.56 -2.13
N THR D 133 -31.89 -1.50 -1.01
CA THR D 133 -32.92 -0.49 -0.78
C THR D 133 -33.21 -0.46 0.72
N VAL D 134 -33.88 0.61 1.15
CA VAL D 134 -34.28 0.78 2.53
C VAL D 134 -35.80 0.89 2.57
N TYR D 135 -36.44 0.02 3.34
CA TYR D 135 -37.88 0.03 3.51
C TYR D 135 -38.21 -0.50 4.89
N SER D 136 -39.14 0.18 5.56
CA SER D 136 -39.59 -0.21 6.91
C SER D 136 -38.41 -0.25 7.89
N ASP D 137 -37.52 0.75 7.79
CA ASP D 137 -36.39 0.89 8.70
C ASP D 137 -35.46 -0.31 8.66
N LYS D 138 -35.42 -1.00 7.51
CA LYS D 138 -34.60 -2.19 7.33
C LYS D 138 -33.92 -2.14 5.97
N LEU D 139 -32.67 -2.59 5.91
CA LEU D 139 -31.92 -2.64 4.67
C LEU D 139 -32.13 -3.98 3.98
N TRP D 140 -32.54 -3.93 2.71
CA TRP D 140 -32.84 -5.11 1.92
C TRP D 140 -31.75 -5.35 0.88
N ILE D 141 -31.18 -6.56 0.89
CA ILE D 141 -30.17 -6.97 -0.07
C ILE D 141 -30.78 -8.08 -0.92
N PHE D 142 -30.49 -8.05 -2.23
CA PHE D 142 -31.10 -9.00 -3.16
C PHE D 142 -30.11 -9.39 -4.25
N ALA D 143 -29.99 -10.70 -4.49
CA ALA D 143 -29.29 -11.28 -5.65
C ALA D 143 -27.81 -10.91 -5.58
N GLY D 144 -27.17 -10.83 -6.74
CA GLY D 144 -25.74 -10.56 -6.84
C GLY D 144 -24.96 -11.80 -7.23
N TYR D 145 -23.65 -11.68 -7.15
CA TYR D 145 -22.72 -12.75 -7.47
C TYR D 145 -21.80 -13.00 -6.28
N ASP D 146 -21.74 -14.26 -5.84
CA ASP D 146 -20.98 -14.60 -4.63
C ASP D 146 -19.55 -15.01 -4.92
N GLY D 147 -19.22 -15.34 -6.17
CA GLY D 147 -17.89 -15.82 -6.51
C GLY D 147 -17.92 -17.14 -7.24
N ASN D 148 -19.02 -17.87 -7.11
CA ASN D 148 -19.19 -19.14 -7.81
C ASN D 148 -20.46 -19.21 -8.66
N ALA D 149 -21.50 -18.43 -8.35
CA ALA D 149 -22.73 -18.47 -9.11
C ALA D 149 -23.53 -17.21 -8.79
N ARG D 150 -24.43 -16.86 -9.71
CA ARG D 150 -25.34 -15.75 -9.47
C ARG D 150 -26.34 -16.12 -8.37
N LEU D 151 -26.87 -15.09 -7.71
CA LEU D 151 -27.70 -15.29 -6.54
C LEU D 151 -29.11 -14.74 -6.78
N ASN D 152 -30.04 -15.18 -5.93
CA ASN D 152 -31.39 -14.65 -5.96
C ASN D 152 -32.05 -14.66 -4.59
N ASP D 153 -31.30 -14.87 -3.51
CA ASP D 153 -31.83 -14.80 -2.16
C ASP D 153 -32.01 -13.34 -1.73
N MET D 154 -32.64 -13.16 -0.57
CA MET D 154 -32.93 -11.82 -0.05
C MET D 154 -32.71 -11.80 1.45
N TRP D 155 -32.01 -10.78 1.95
CA TRP D 155 -31.73 -10.62 3.36
C TRP D 155 -32.10 -9.21 3.81
N THR D 156 -32.46 -9.09 5.08
CA THR D 156 -32.79 -7.80 5.69
C THR D 156 -32.00 -7.61 6.98
N ILE D 157 -31.93 -6.35 7.42
CA ILE D 157 -31.29 -6.02 8.69
C ILE D 157 -31.82 -4.68 9.21
N GLY D 158 -32.23 -4.66 10.47
CA GLY D 158 -32.71 -3.42 11.07
C GLY D 158 -31.59 -2.41 11.25
N LEU D 159 -31.91 -1.14 11.02
CA LEU D 159 -30.94 -0.06 11.14
C LEU D 159 -31.21 0.84 12.33
N GLN D 160 -32.12 0.46 13.23
CA GLN D 160 -32.44 1.31 14.38
C GLN D 160 -31.44 1.12 15.51
N ASP D 161 -31.31 -0.10 16.01
CA ASP D 161 -30.43 -0.42 17.14
C ASP D 161 -29.33 -1.36 16.67
N ARG D 162 -28.10 -0.86 16.64
CA ARG D 162 -26.97 -1.68 16.21
C ARG D 162 -26.66 -2.79 17.21
N GLU D 163 -26.91 -2.55 18.49
CA GLU D 163 -26.58 -3.55 19.51
C GLU D 163 -27.45 -4.80 19.39
N LEU D 164 -28.70 -4.65 18.92
CA LEU D 164 -29.63 -5.76 18.82
C LEU D 164 -29.96 -6.18 17.39
N THR D 165 -29.48 -5.46 16.39
CA THR D 165 -29.88 -5.82 15.04
C THR D 165 -29.18 -7.10 14.60
N CYS D 166 -29.74 -7.72 13.56
CA CYS D 166 -29.17 -8.95 13.01
C CYS D 166 -29.72 -9.15 11.62
N TRP D 167 -29.11 -10.06 10.89
CA TRP D 167 -29.51 -10.39 9.53
C TRP D 167 -30.63 -11.43 9.55
N GLU D 168 -31.59 -11.28 8.64
CA GLU D 168 -32.70 -12.21 8.51
C GLU D 168 -32.89 -12.52 7.03
N GLU D 169 -32.88 -13.80 6.68
CA GLU D 169 -33.13 -14.22 5.31
C GLU D 169 -34.63 -14.24 5.04
N VAL D 170 -35.01 -13.76 3.87
CA VAL D 170 -36.42 -13.59 3.51
C VAL D 170 -36.91 -14.85 2.83
N ALA D 171 -38.01 -15.40 3.33
CA ALA D 171 -38.70 -16.52 2.69
C ALA D 171 -39.52 -15.95 1.53
N GLN D 172 -38.88 -15.81 0.37
CA GLN D 172 -39.53 -15.22 -0.78
C GLN D 172 -40.56 -16.18 -1.38
N SER D 173 -41.63 -15.59 -1.94
CA SER D 173 -42.64 -16.33 -2.68
C SER D 173 -42.91 -15.62 -3.99
N GLY D 174 -43.70 -16.28 -4.84
CA GLY D 174 -44.03 -15.72 -6.12
C GLY D 174 -43.00 -16.06 -7.19
N GLU D 175 -43.01 -15.24 -8.23
CA GLU D 175 -42.12 -15.43 -9.38
C GLU D 175 -40.82 -14.67 -9.10
N ILE D 176 -39.95 -15.31 -8.33
CA ILE D 176 -38.65 -14.72 -8.02
C ILE D 176 -37.88 -14.49 -9.31
N PRO D 177 -37.29 -13.32 -9.52
CA PRO D 177 -36.45 -13.11 -10.69
C PRO D 177 -35.30 -14.11 -10.72
N PRO D 178 -34.95 -14.62 -11.90
CA PRO D 178 -33.84 -15.57 -11.98
C PRO D 178 -32.55 -14.96 -11.44
N SER D 179 -31.59 -15.83 -11.13
CA SER D 179 -30.30 -15.44 -10.61
C SER D 179 -29.72 -14.29 -11.41
N CYS D 180 -29.59 -13.10 -10.79
CA CYS D 180 -29.29 -11.87 -11.50
C CYS D 180 -28.16 -11.12 -10.82
N CYS D 181 -27.43 -10.35 -11.63
CA CYS D 181 -26.41 -9.44 -11.14
C CYS D 181 -26.35 -8.24 -12.07
N ASN D 182 -25.75 -7.15 -11.58
CA ASN D 182 -25.58 -5.91 -12.33
C ASN D 182 -26.93 -5.37 -12.81
N PHE D 183 -27.83 -5.17 -11.86
CA PHE D 183 -29.17 -4.67 -12.14
C PHE D 183 -29.52 -3.53 -11.20
N PRO D 184 -30.37 -2.61 -11.65
CA PRO D 184 -30.80 -1.51 -10.77
C PRO D 184 -32.07 -1.86 -10.01
N VAL D 185 -32.23 -1.17 -8.88
CA VAL D 185 -33.38 -1.36 -8.01
C VAL D 185 -33.93 0.01 -7.60
N ALA D 186 -35.24 0.18 -7.76
CA ALA D 186 -35.91 1.42 -7.39
C ALA D 186 -37.24 1.10 -6.71
N VAL D 187 -37.48 1.71 -5.56
CA VAL D 187 -38.70 1.49 -4.78
C VAL D 187 -39.71 2.58 -5.11
N CYS D 188 -40.98 2.20 -5.22
CA CYS D 188 -42.08 3.11 -5.46
C CYS D 188 -43.29 2.63 -4.70
N ARG D 189 -43.91 3.53 -3.92
CA ARG D 189 -45.03 3.20 -3.02
C ARG D 189 -44.54 2.13 -2.04
N ASP D 190 -45.16 0.96 -1.98
CA ASP D 190 -44.76 -0.11 -1.09
C ASP D 190 -44.20 -1.32 -1.84
N LYS D 191 -43.67 -1.09 -3.03
CA LYS D 191 -43.19 -2.17 -3.90
C LYS D 191 -41.79 -1.87 -4.38
N MET D 192 -40.99 -2.93 -4.51
CA MET D 192 -39.64 -2.85 -5.05
C MET D 192 -39.62 -3.39 -6.47
N PHE D 193 -38.91 -2.69 -7.36
CA PHE D 193 -38.94 -3.00 -8.79
C PHE D 193 -37.56 -3.38 -9.29
N VAL D 194 -37.51 -4.39 -10.15
CA VAL D 194 -36.27 -4.85 -10.78
C VAL D 194 -36.55 -5.11 -12.26
N PHE D 195 -35.73 -4.54 -13.13
CA PHE D 195 -35.88 -4.68 -14.57
C PHE D 195 -34.59 -5.18 -15.19
N SER D 196 -34.69 -6.27 -15.94
CA SER D 196 -33.58 -6.83 -16.74
C SER D 196 -32.43 -7.19 -15.79
N GLY D 197 -31.19 -6.93 -16.19
CA GLY D 197 -30.03 -7.37 -15.44
C GLY D 197 -29.44 -8.65 -16.01
N GLN D 198 -28.16 -8.86 -15.74
CA GLN D 198 -27.44 -10.04 -16.25
C GLN D 198 -27.90 -11.28 -15.49
N SER D 199 -28.63 -12.16 -16.16
CA SER D 199 -29.04 -13.44 -15.59
C SER D 199 -28.60 -14.61 -16.47
N GLY D 200 -27.47 -14.46 -17.14
CA GLY D 200 -26.92 -15.55 -17.92
C GLY D 200 -27.79 -15.87 -19.13
N ALA D 201 -28.04 -17.16 -19.33
CA ALA D 201 -28.79 -17.60 -20.50
C ALA D 201 -30.25 -17.14 -20.49
N LYS D 202 -30.76 -16.73 -19.34
CA LYS D 202 -32.16 -16.33 -19.20
C LYS D 202 -32.32 -14.83 -19.01
N ILE D 203 -31.43 -14.04 -19.62
CA ILE D 203 -31.53 -12.59 -19.54
C ILE D 203 -32.73 -12.13 -20.37
N THR D 204 -33.60 -11.34 -19.75
CA THR D 204 -34.80 -10.85 -20.40
C THR D 204 -35.00 -9.37 -20.08
N ASN D 205 -35.98 -8.76 -20.73
CA ASN D 205 -36.43 -7.40 -20.43
C ASN D 205 -37.69 -7.40 -19.59
N ASN D 206 -37.79 -8.30 -18.61
CA ASN D 206 -38.97 -8.38 -17.76
C ASN D 206 -38.83 -7.43 -16.56
N LEU D 207 -39.98 -6.98 -16.07
CA LEU D 207 -40.05 -6.12 -14.90
C LEU D 207 -40.71 -6.91 -13.77
N PHE D 208 -40.03 -6.96 -12.62
CA PHE D 208 -40.52 -7.67 -11.45
C PHE D 208 -40.81 -6.70 -10.32
N GLN D 209 -41.93 -6.90 -9.64
CA GLN D 209 -42.27 -6.12 -8.46
C GLN D 209 -42.25 -7.02 -7.24
N PHE D 210 -41.88 -6.44 -6.09
CA PHE D 210 -41.74 -7.19 -4.85
C PHE D 210 -42.63 -6.58 -3.77
N GLU D 211 -43.55 -7.38 -3.23
CA GLU D 211 -44.42 -6.97 -2.15
C GLU D 211 -43.68 -7.13 -0.83
N PHE D 212 -43.33 -6.00 -0.19
CA PHE D 212 -42.57 -6.06 1.05
C PHE D 212 -43.34 -6.80 2.15
N LYS D 213 -44.61 -6.45 2.35
CA LYS D 213 -45.36 -6.99 3.46
C LYS D 213 -45.57 -8.49 3.33
N ASP D 214 -45.92 -8.95 2.13
CA ASP D 214 -46.21 -10.36 1.91
C ASP D 214 -45.02 -11.16 1.39
N LYS D 215 -43.89 -10.50 1.15
CA LYS D 215 -42.66 -11.15 0.68
C LYS D 215 -42.93 -11.98 -0.58
N THR D 216 -43.61 -11.37 -1.55
CA THR D 216 -44.03 -12.05 -2.77
C THR D 216 -43.53 -11.30 -3.99
N TRP D 217 -43.05 -12.05 -4.98
CA TRP D 217 -42.61 -11.50 -6.26
C TRP D 217 -43.70 -11.70 -7.30
N THR D 218 -43.82 -10.73 -8.20
CA THR D 218 -44.79 -10.79 -9.30
C THR D 218 -44.15 -10.20 -10.55
N ARG D 219 -44.17 -10.96 -11.65
CA ARG D 219 -43.64 -10.47 -12.92
C ARG D 219 -44.72 -9.65 -13.59
N ILE D 220 -44.47 -8.36 -13.76
CA ILE D 220 -45.46 -7.45 -14.36
C ILE D 220 -45.57 -7.78 -15.85
N PRO D 221 -46.73 -8.24 -16.33
CA PRO D 221 -46.88 -8.55 -17.74
C PRO D 221 -46.99 -7.30 -18.60
N THR D 222 -46.64 -7.46 -19.87
CA THR D 222 -46.69 -6.38 -20.85
C THR D 222 -47.67 -6.73 -21.96
N GLU D 223 -48.70 -5.90 -22.13
CA GLU D 223 -49.64 -6.02 -23.24
C GLU D 223 -49.41 -4.95 -24.30
N HIS D 224 -48.23 -4.32 -24.29
CA HIS D 224 -47.96 -3.21 -25.22
C HIS D 224 -48.18 -3.63 -26.67
N LEU D 225 -47.84 -4.88 -27.00
CA LEU D 225 -47.94 -5.35 -28.38
C LEU D 225 -49.35 -5.22 -28.92
N LEU D 226 -50.33 -5.69 -28.14
CA LEU D 226 -51.71 -5.71 -28.61
C LEU D 226 -52.34 -4.33 -28.57
N ARG D 227 -52.06 -3.56 -27.52
CA ARG D 227 -52.62 -2.22 -27.36
C ARG D 227 -51.76 -1.13 -27.99
N GLY D 228 -50.81 -1.51 -28.84
CA GLY D 228 -49.95 -0.53 -29.49
C GLY D 228 -49.17 0.37 -28.56
N SER D 229 -48.89 -0.07 -27.34
CA SER D 229 -48.15 0.73 -26.40
C SER D 229 -46.65 0.64 -26.68
N PRO D 230 -45.87 1.63 -26.22
CA PRO D 230 -44.42 1.62 -26.47
C PRO D 230 -43.77 0.36 -25.92
N PRO D 231 -42.85 -0.25 -26.67
CA PRO D 231 -42.20 -1.49 -26.22
C PRO D 231 -41.33 -1.25 -25.00
N PRO D 232 -41.04 -2.29 -24.23
CA PRO D 232 -40.14 -2.15 -23.08
C PRO D 232 -38.71 -1.95 -23.52
N PRO D 233 -37.84 -1.43 -22.67
CA PRO D 233 -36.43 -1.27 -23.04
C PRO D 233 -35.77 -2.61 -23.35
N GLN D 234 -34.71 -2.55 -24.14
CA GLN D 234 -33.96 -3.75 -24.48
C GLN D 234 -33.25 -4.31 -23.26
N ARG D 235 -33.16 -5.64 -23.19
CA ARG D 235 -32.45 -6.30 -22.10
C ARG D 235 -31.01 -5.80 -22.02
N ARG D 236 -30.53 -5.64 -20.79
CA ARG D 236 -29.24 -4.98 -20.58
C ARG D 236 -28.78 -5.25 -19.14
N TYR D 237 -27.51 -4.94 -18.89
CA TYR D 237 -26.94 -4.98 -17.57
C TYR D 237 -26.14 -3.70 -17.33
N GLY D 238 -25.87 -3.42 -16.05
CA GLY D 238 -25.13 -2.23 -15.70
C GLY D 238 -25.87 -0.92 -15.91
N HIS D 239 -27.20 -0.95 -15.87
CA HIS D 239 -28.02 0.23 -16.06
C HIS D 239 -28.57 0.72 -14.73
N THR D 240 -29.02 1.96 -14.72
CA THR D 240 -29.60 2.59 -13.53
C THR D 240 -31.12 2.67 -13.64
N MET D 241 -31.75 2.85 -12.48
CA MET D 241 -33.19 3.04 -12.41
C MET D 241 -33.54 3.87 -11.18
N VAL D 242 -34.27 4.97 -11.40
CA VAL D 242 -34.77 5.80 -10.32
C VAL D 242 -36.29 5.85 -10.43
N ALA D 243 -36.92 6.20 -9.32
CA ALA D 243 -38.38 6.32 -9.24
C ALA D 243 -38.74 7.76 -8.95
N PHE D 244 -39.62 8.34 -9.76
CA PHE D 244 -40.12 9.68 -9.55
C PHE D 244 -41.63 9.70 -9.80
N ASP D 245 -42.35 10.41 -8.94
CA ASP D 245 -43.81 10.44 -9.01
C ASP D 245 -44.37 9.03 -9.01
N ARG D 246 -45.05 8.65 -10.08
CA ARG D 246 -45.48 7.28 -10.28
C ARG D 246 -44.83 6.73 -11.54
N HIS D 247 -43.51 6.87 -11.64
CA HIS D 247 -42.79 6.51 -12.86
C HIS D 247 -41.41 6.00 -12.51
N LEU D 248 -40.94 5.03 -13.31
CA LEU D 248 -39.59 4.52 -13.23
C LEU D 248 -38.80 5.01 -14.45
N TYR D 249 -37.54 5.39 -14.23
CA TYR D 249 -36.69 5.94 -15.29
C TYR D 249 -35.42 5.11 -15.40
N VAL D 250 -35.28 4.40 -16.52
CA VAL D 250 -34.12 3.57 -16.78
C VAL D 250 -33.20 4.29 -17.76
N PHE D 251 -31.89 4.21 -17.51
CA PHE D 251 -30.92 4.83 -18.39
C PHE D 251 -29.62 4.03 -18.37
N GLY D 252 -28.95 3.98 -19.53
CA GLY D 252 -27.63 3.41 -19.62
C GLY D 252 -27.64 1.90 -19.73
N GLY D 253 -26.46 1.31 -19.51
CA GLY D 253 -26.27 -0.11 -19.58
C GLY D 253 -25.75 -0.58 -20.94
N ALA D 254 -25.44 -1.88 -21.00
CA ALA D 254 -24.95 -2.52 -22.21
C ALA D 254 -25.99 -3.52 -22.69
N ALA D 255 -26.57 -3.24 -23.86
CA ALA D 255 -27.65 -4.06 -24.43
C ALA D 255 -27.18 -4.68 -25.74
N ASP D 256 -26.89 -5.98 -25.71
CA ASP D 256 -26.47 -6.75 -26.89
C ASP D 256 -25.34 -6.04 -27.65
N ASN D 257 -24.19 -5.96 -26.97
CA ASN D 257 -22.98 -5.36 -27.54
C ASN D 257 -23.21 -3.92 -27.97
N THR D 258 -24.15 -3.24 -27.33
CA THR D 258 -24.45 -1.85 -27.63
C THR D 258 -24.68 -1.10 -26.32
N LEU D 259 -24.45 0.22 -26.37
CA LEU D 259 -24.64 1.11 -25.23
C LEU D 259 -25.64 2.20 -25.62
N PRO D 260 -26.93 1.89 -25.67
CA PRO D 260 -27.93 2.91 -26.00
C PRO D 260 -28.00 3.96 -24.91
N ASN D 261 -28.54 5.13 -25.28
CA ASN D 261 -28.63 6.25 -24.35
C ASN D 261 -30.03 6.86 -24.29
N GLU D 262 -31.06 6.14 -24.71
CA GLU D 262 -32.42 6.64 -24.59
C GLU D 262 -32.92 6.49 -23.16
N LEU D 263 -33.75 7.44 -22.75
CA LEU D 263 -34.35 7.45 -21.42
C LEU D 263 -35.75 6.86 -21.49
N HIS D 264 -35.96 5.76 -20.79
CA HIS D 264 -37.25 5.07 -20.78
C HIS D 264 -38.00 5.37 -19.49
N CYS D 265 -39.31 5.59 -19.60
CA CYS D 265 -40.16 5.90 -18.47
C CYS D 265 -41.29 4.88 -18.42
N TYR D 266 -41.53 4.33 -17.23
CA TYR D 266 -42.56 3.31 -17.03
C TYR D 266 -43.62 3.87 -16.09
N ASP D 267 -44.87 3.88 -16.55
CA ASP D 267 -46.01 4.30 -15.73
C ASP D 267 -46.45 3.10 -14.89
N VAL D 268 -46.04 3.11 -13.61
CA VAL D 268 -46.34 2.01 -12.70
C VAL D 268 -47.84 1.88 -12.48
N ASP D 269 -48.57 3.02 -12.49
CA ASP D 269 -50.02 2.95 -12.33
C ASP D 269 -50.71 2.51 -13.61
N PHE D 270 -50.16 2.82 -14.78
CA PHE D 270 -50.82 2.48 -16.05
C PHE D 270 -50.09 1.38 -16.83
N GLN D 271 -49.12 0.72 -16.21
CA GLN D 271 -48.38 -0.39 -16.83
C GLN D 271 -48.02 -0.12 -18.29
N THR D 272 -47.35 1.02 -18.49
CA THR D 272 -46.91 1.39 -19.82
C THR D 272 -45.49 1.97 -19.80
N TRP D 273 -44.77 1.71 -20.86
CA TRP D 273 -43.43 2.26 -21.07
C TRP D 273 -43.49 3.47 -21.98
N GLU D 274 -42.40 4.22 -22.00
CA GLU D 274 -42.25 5.37 -22.88
C GLU D 274 -40.78 5.55 -23.22
N VAL D 275 -40.53 6.34 -24.27
CA VAL D 275 -39.20 6.80 -24.61
C VAL D 275 -39.24 8.31 -24.44
N VAL D 276 -38.69 8.80 -23.32
CA VAL D 276 -38.79 10.22 -23.01
C VAL D 276 -38.03 11.03 -24.04
N GLN D 277 -38.69 12.06 -24.56
CA GLN D 277 -38.02 12.98 -25.46
C GLN D 277 -37.31 14.08 -24.66
N PRO D 278 -36.08 14.43 -25.03
CA PRO D 278 -35.41 15.56 -24.39
C PRO D 278 -35.78 16.86 -25.08
N SER D 279 -35.43 17.97 -24.42
CA SER D 279 -35.73 19.28 -24.96
C SER D 279 -34.79 19.60 -26.12
N SER D 280 -35.08 20.71 -26.81
CA SER D 280 -34.25 21.11 -27.94
C SER D 280 -32.84 21.46 -27.49
N ASP D 281 -32.72 22.25 -26.43
CA ASP D 281 -31.42 22.67 -25.89
C ASP D 281 -30.90 21.70 -24.84
N SER D 282 -31.08 20.40 -25.04
CA SER D 282 -30.62 19.40 -24.09
C SER D 282 -29.20 18.96 -24.40
N GLU D 283 -28.41 18.79 -23.34
CA GLU D 283 -27.03 18.28 -23.46
C GLU D 283 -27.07 16.77 -23.22
N LEU D 284 -27.41 16.03 -24.27
CA LEU D 284 -27.63 14.60 -24.15
C LEU D 284 -26.35 13.89 -23.74
N PRO D 285 -26.40 12.99 -22.76
CA PRO D 285 -25.22 12.20 -22.40
C PRO D 285 -25.05 11.01 -23.31
N SER D 286 -23.82 10.49 -23.33
CA SER D 286 -23.50 9.33 -24.15
C SER D 286 -23.86 8.04 -23.42
N GLY D 287 -23.96 6.96 -24.20
CA GLY D 287 -24.24 5.65 -23.64
C GLY D 287 -23.16 5.16 -22.70
N ARG D 288 -23.53 4.80 -21.47
CA ARG D 288 -22.57 4.38 -20.46
C ARG D 288 -23.15 3.24 -19.65
N LEU D 289 -22.27 2.52 -18.97
CA LEU D 289 -22.67 1.42 -18.11
C LEU D 289 -21.87 1.48 -16.81
N PHE D 290 -22.35 0.73 -15.81
CA PHE D 290 -21.76 0.71 -14.46
C PHE D 290 -21.65 2.10 -13.86
N HIS D 291 -22.56 2.99 -14.28
CA HIS D 291 -22.73 4.30 -13.66
C HIS D 291 -23.70 4.19 -12.50
N ALA D 292 -24.14 5.33 -11.97
CA ALA D 292 -25.10 5.35 -10.87
C ALA D 292 -25.95 6.60 -10.96
N ALA D 293 -27.16 6.53 -10.43
CA ALA D 293 -28.13 7.60 -10.56
C ALA D 293 -28.75 7.95 -9.22
N ALA D 294 -29.26 9.18 -9.14
CA ALA D 294 -29.95 9.67 -7.94
C ALA D 294 -30.87 10.81 -8.34
N VAL D 295 -31.86 11.07 -7.49
CA VAL D 295 -32.89 12.07 -7.75
C VAL D 295 -32.93 13.06 -6.60
N ILE D 296 -32.84 14.36 -6.95
CA ILE D 296 -33.03 15.45 -6.00
C ILE D 296 -34.12 16.35 -6.55
N SER D 297 -35.22 16.48 -5.81
CA SER D 297 -36.40 17.24 -6.23
C SER D 297 -36.88 16.65 -7.56
N ASP D 298 -37.14 17.47 -8.58
CA ASP D 298 -37.62 16.97 -9.87
C ASP D 298 -36.48 16.88 -10.88
N ALA D 299 -35.42 16.16 -10.51
CA ALA D 299 -34.26 16.05 -11.38
C ALA D 299 -33.50 14.77 -11.08
N MET D 300 -32.98 14.15 -12.13
CA MET D 300 -32.16 12.95 -12.03
C MET D 300 -30.70 13.32 -12.27
N TYR D 301 -29.80 12.61 -11.60
CA TYR D 301 -28.37 12.89 -11.66
C TYR D 301 -27.63 11.62 -12.05
N ILE D 302 -26.83 11.71 -13.11
CA ILE D 302 -26.00 10.60 -13.57
C ILE D 302 -24.54 10.99 -13.37
N PHE D 303 -23.75 10.04 -12.88
CA PHE D 303 -22.34 10.27 -12.65
C PHE D 303 -21.53 9.04 -13.05
N GLY D 304 -20.41 9.27 -13.72
CA GLY D 304 -19.46 8.21 -13.99
C GLY D 304 -19.95 7.24 -15.04
N GLY D 305 -19.33 6.07 -15.04
CA GLY D 305 -19.63 5.03 -16.00
C GLY D 305 -18.64 4.98 -17.13
N THR D 306 -18.53 3.81 -17.75
CA THR D 306 -17.66 3.62 -18.91
C THR D 306 -18.40 4.09 -20.15
N VAL D 307 -17.90 5.15 -20.79
CA VAL D 307 -18.60 5.71 -21.94
C VAL D 307 -18.46 4.78 -23.14
N ASP D 308 -17.24 4.34 -23.43
CA ASP D 308 -16.96 3.44 -24.54
C ASP D 308 -15.46 3.15 -24.53
N ASN D 309 -15.09 2.05 -25.18
CA ASN D 309 -13.69 1.64 -25.33
C ASN D 309 -12.95 1.64 -23.99
N ASN D 310 -13.67 1.26 -22.93
CA ASN D 310 -13.11 1.20 -21.57
C ASN D 310 -12.62 2.57 -21.11
N ILE D 311 -13.35 3.61 -21.48
CA ILE D 311 -13.03 4.98 -21.05
C ILE D 311 -13.90 5.31 -19.85
N ARG D 312 -13.26 5.60 -18.71
CA ARG D 312 -13.99 5.98 -17.51
C ARG D 312 -14.42 7.44 -17.60
N SER D 313 -15.66 7.71 -17.19
CA SER D 313 -16.22 9.05 -17.22
C SER D 313 -16.37 9.59 -15.80
N GLY D 314 -16.35 10.91 -15.68
CA GLY D 314 -16.61 11.57 -14.41
C GLY D 314 -17.56 12.73 -14.57
N GLU D 315 -18.48 12.62 -15.52
CA GLU D 315 -19.38 13.70 -15.87
C GLU D 315 -20.64 13.66 -15.02
N MET D 316 -21.16 14.84 -14.70
CA MET D 316 -22.41 14.97 -13.94
C MET D 316 -23.46 15.53 -14.90
N TYR D 317 -24.39 14.67 -15.32
CA TYR D 317 -25.50 15.08 -16.16
C TYR D 317 -26.76 15.22 -15.32
N ARG D 318 -27.64 16.13 -15.73
CA ARG D 318 -28.85 16.47 -15.00
C ARG D 318 -30.05 16.50 -15.94
N PHE D 319 -31.08 15.73 -15.61
CA PHE D 319 -32.32 15.68 -16.37
C PHE D 319 -33.43 16.32 -15.57
N GLN D 320 -34.26 17.13 -16.22
CA GLN D 320 -35.33 17.81 -15.51
C GLN D 320 -36.63 17.00 -15.64
N PHE D 321 -37.19 16.63 -14.49
CA PHE D 321 -38.42 15.87 -14.50
C PHE D 321 -39.60 16.80 -14.73
N SER D 322 -40.56 16.32 -15.52
CA SER D 322 -41.78 17.07 -15.80
C SER D 322 -42.54 17.42 -14.53
#